data_6A93
#
_entry.id   6A93
#
_cell.length_a   277.720
_cell.length_b   42.150
_cell.length_c   91.940
_cell.angle_alpha   90.00
_cell.angle_beta   92.55
_cell.angle_gamma   90.00
#
_symmetry.space_group_name_H-M   'C 1 2 1'
#
loop_
_entity.id
_entity.type
_entity.pdbx_description
1 polymer '5-hydroxytryptamine receptor 2A,Soluble cytochrome b562'
2 non-polymer 3-[2-[4-(6-fluoranyl-1,2-benzoxazol-3-yl)piperidin-1-yl]ethyl]-2-methyl-6,7,8,9-tetrahydropyrido[1,2-a]pyrimidin-4-one
3 non-polymer CHOLESTEROL
4 non-polymer 'ZINC ION'
5 non-polymer 'PENTAETHYLENE GLYCOL'
6 non-polymer 'PALMITIC ACID'
#
_entity_poly.entity_id   1
_entity_poly.type   'polypeptide(L)'
_entity_poly.pdbx_seq_one_letter_code
;GGTHLQEKNWSALLTAVVIILTIAGNILVIMAVSLEKKLQNATNYFLMSLAIADMLLGFLVMPVSMLTILYGYRWPLPSK
LCAVWIYLDVLFSTAKIWHLCAISLDRYVAIQNPIHHSRFNSRTKAFLKIIAVWTISVGISMPIPVFGLQDDSKVFKEGS
CLLADDNFVLIGSFVSFFIPLTIMVITYFLTIKSLQKEAADLEDNWETLNDNLKVIEKADNAAQVKDALTKMRAAALDAG
SGSGDILVGQIDDALKLANEGKVKEAQAAAEQLKTTINAYIQKYGQSISNEQKACKVLGIVFFLFVVMWCPFFITNIMAV
ICKESCNEDVIGALLNVFVWIGYLSSAVNPLVYTLFNKTYRSAFSRYIQCQYKENK
;
_entity_poly.pdbx_strand_id   A,B
#
loop_
_chem_comp.id
_chem_comp.type
_chem_comp.name
_chem_comp.formula
1PE non-polymer 'PENTAETHYLENE GLYCOL' 'C10 H22 O6'
8NU non-polymer 3-[2-[4-(6-fluoranyl-1,2-benzoxazol-3-yl)piperidin-1-yl]ethyl]-2-methyl-6,7,8,9-tetrahydropyrido[1,2-a]pyrimidin-4-one 'C23 H27 F N4 O2'
CLR non-polymer CHOLESTEROL 'C27 H46 O'
PLM non-polymer 'PALMITIC ACID' 'C16 H32 O2'
ZN non-polymer 'ZINC ION' 'Zn 2'
#
# COMPACT_ATOMS: atom_id res chain seq x y z
N THR A 3 50.30 -29.05 -12.43
CA THR A 3 50.67 -27.85 -13.17
C THR A 3 49.67 -26.73 -12.91
N HIS A 4 50.13 -25.48 -12.91
CA HIS A 4 49.27 -24.34 -12.66
C HIS A 4 48.44 -23.95 -13.88
N LEU A 5 48.83 -24.39 -15.07
CA LEU A 5 47.97 -24.23 -16.24
C LEU A 5 46.82 -25.25 -16.22
N GLN A 6 47.06 -26.41 -15.64
CA GLN A 6 45.98 -27.35 -15.38
C GLN A 6 44.87 -26.71 -14.55
N GLU A 7 45.22 -25.75 -13.70
CA GLU A 7 44.20 -25.05 -12.94
C GLU A 7 43.26 -24.26 -13.87
N LYS A 8 43.82 -23.59 -14.88
CA LYS A 8 42.97 -22.88 -15.82
C LYS A 8 42.12 -23.87 -16.60
N ASN A 9 42.72 -25.01 -16.97
CA ASN A 9 41.96 -26.00 -17.74
C ASN A 9 40.80 -26.55 -16.92
N TRP A 10 41.03 -26.82 -15.64
CA TRP A 10 39.96 -27.32 -14.77
C TRP A 10 38.89 -26.27 -14.55
N SER A 11 39.29 -25.01 -14.30
CA SER A 11 38.30 -23.97 -14.11
C SER A 11 37.42 -23.80 -15.33
N ALA A 12 38.02 -23.79 -16.52
CA ALA A 12 37.23 -23.67 -17.74
C ALA A 12 36.34 -24.89 -17.94
N LEU A 13 36.83 -26.09 -17.62
CA LEU A 13 36.04 -27.30 -17.81
C LEU A 13 34.81 -27.32 -16.89
N LEU A 14 35.02 -27.04 -15.60
CA LEU A 14 33.89 -26.99 -14.67
C LEU A 14 32.92 -25.89 -15.04
N THR A 15 33.44 -24.75 -15.52
CA THR A 15 32.58 -23.71 -16.04
C THR A 15 31.70 -24.22 -17.17
N ALA A 16 32.30 -24.96 -18.11
CA ALA A 16 31.53 -25.52 -19.22
C ALA A 16 30.47 -26.50 -18.72
N VAL A 17 30.81 -27.29 -17.70
CA VAL A 17 29.84 -28.19 -17.10
C VAL A 17 28.63 -27.41 -16.59
N VAL A 18 28.89 -26.35 -15.82
CA VAL A 18 27.80 -25.53 -15.28
C VAL A 18 26.99 -24.90 -16.40
N ILE A 19 27.66 -24.44 -17.46
CA ILE A 19 26.96 -23.82 -18.58
C ILE A 19 26.00 -24.81 -19.23
N ILE A 20 26.50 -26.01 -19.55
CA ILE A 20 25.68 -27.01 -20.22
C ILE A 20 24.50 -27.40 -19.34
N LEU A 21 24.76 -27.59 -18.04
CA LEU A 21 23.68 -27.95 -17.13
C LEU A 21 22.61 -26.86 -17.08
N THR A 22 23.03 -25.60 -16.95
CA THR A 22 22.10 -24.49 -16.94
C THR A 22 21.23 -24.48 -18.19
N ILE A 23 21.86 -24.49 -19.36
CA ILE A 23 21.12 -24.38 -20.61
C ILE A 23 20.14 -25.55 -20.74
N ALA A 24 20.62 -26.77 -20.52
CA ALA A 24 19.77 -27.94 -20.73
C ALA A 24 18.60 -27.96 -19.76
N GLY A 25 18.87 -27.77 -18.46
CA GLY A 25 17.80 -27.79 -17.49
C GLY A 25 16.76 -26.72 -17.71
N ASN A 26 17.20 -25.50 -18.02
CA ASN A 26 16.23 -24.43 -18.20
C ASN A 26 15.46 -24.60 -19.50
N ILE A 27 16.07 -25.21 -20.52
CA ILE A 27 15.31 -25.54 -21.72
C ILE A 27 14.26 -26.60 -21.42
N LEU A 28 14.60 -27.58 -20.56
CA LEU A 28 13.60 -28.56 -20.14
C LEU A 28 12.44 -27.89 -19.42
N VAL A 29 12.74 -26.94 -18.53
CA VAL A 29 11.67 -26.23 -17.83
C VAL A 29 10.81 -25.43 -18.81
N ILE A 30 11.46 -24.78 -19.79
CA ILE A 30 10.73 -24.04 -20.81
C ILE A 30 9.77 -24.96 -21.55
N MET A 31 10.26 -26.13 -21.97
CA MET A 31 9.42 -27.07 -22.68
C MET A 31 8.26 -27.55 -21.82
N ALA A 32 8.53 -27.81 -20.53
CA ALA A 32 7.49 -28.30 -19.64
C ALA A 32 6.38 -27.27 -19.48
N VAL A 33 6.74 -26.00 -19.30
CA VAL A 33 5.71 -24.98 -19.14
C VAL A 33 5.01 -24.70 -20.47
N SER A 34 5.73 -24.81 -21.59
CA SER A 34 5.16 -24.48 -22.88
C SER A 34 4.21 -25.55 -23.40
N LEU A 35 4.41 -26.80 -23.01
CA LEU A 35 3.62 -27.91 -23.56
C LEU A 35 2.51 -28.37 -22.64
N GLU A 36 2.77 -28.49 -21.34
CA GLU A 36 1.79 -29.03 -20.40
C GLU A 36 0.76 -27.97 -20.04
N LYS A 37 -0.53 -28.28 -20.25
CA LYS A 37 -1.59 -27.40 -19.80
C LYS A 37 -1.87 -27.54 -18.32
N LYS A 38 -1.36 -28.60 -17.68
CA LYS A 38 -1.47 -28.77 -16.24
C LYS A 38 -0.57 -27.80 -15.48
N LEU A 39 0.32 -27.10 -16.19
CA LEU A 39 1.27 -26.19 -15.60
C LEU A 39 1.11 -24.79 -16.17
N GLN A 40 -0.13 -24.29 -16.26
CA GLN A 40 -0.41 -23.04 -16.96
C GLN A 40 -1.15 -22.05 -16.07
N ASN A 41 -0.67 -21.87 -14.85
CA ASN A 41 -1.13 -20.79 -13.99
C ASN A 41 -0.09 -19.67 -14.00
N ALA A 42 -0.31 -18.66 -13.15
CA ALA A 42 0.59 -17.51 -13.14
C ALA A 42 1.97 -17.88 -12.64
N THR A 43 2.04 -18.67 -11.57
CA THR A 43 3.33 -19.03 -10.99
C THR A 43 4.20 -19.78 -12.00
N ASN A 44 3.60 -20.65 -12.80
CA ASN A 44 4.38 -21.39 -13.78
C ASN A 44 4.83 -20.50 -14.93
N TYR A 45 4.02 -19.53 -15.33
CA TYR A 45 4.48 -18.54 -16.30
C TYR A 45 5.70 -17.78 -15.76
N PHE A 46 5.63 -17.37 -14.50
CA PHE A 46 6.77 -16.70 -13.88
C PHE A 46 7.99 -17.60 -13.84
N LEU A 47 7.80 -18.89 -13.52
CA LEU A 47 8.92 -19.82 -13.47
C LEU A 47 9.52 -20.07 -14.85
N MET A 48 8.71 -20.07 -15.90
CA MET A 48 9.25 -20.25 -17.24
C MET A 48 10.02 -19.00 -17.69
N SER A 49 9.49 -17.81 -17.37
CA SER A 49 10.26 -16.60 -17.62
C SER A 49 11.58 -16.63 -16.85
N LEU A 50 11.55 -17.14 -15.63
CA LEU A 50 12.76 -17.32 -14.83
C LEU A 50 13.73 -18.25 -15.54
N ALA A 51 13.22 -19.35 -16.10
CA ALA A 51 14.08 -20.32 -16.77
C ALA A 51 14.69 -19.75 -18.03
N ILE A 52 13.93 -18.97 -18.79
CA ILE A 52 14.50 -18.34 -19.98
C ILE A 52 15.55 -17.30 -19.58
N ALA A 53 15.32 -16.59 -18.47
CA ALA A 53 16.33 -15.65 -17.98
C ALA A 53 17.62 -16.38 -17.63
N ASP A 54 17.50 -17.51 -16.93
CA ASP A 54 18.70 -18.29 -16.59
C ASP A 54 19.36 -18.85 -17.84
N MET A 55 18.57 -19.23 -18.84
CA MET A 55 19.14 -19.72 -20.09
C MET A 55 19.90 -18.62 -20.81
N LEU A 56 19.35 -17.41 -20.84
CA LEU A 56 20.06 -16.27 -21.44
C LEU A 56 21.34 -15.97 -20.67
N LEU A 57 21.31 -16.11 -19.35
CA LEU A 57 22.51 -15.92 -18.55
C LEU A 57 23.57 -16.95 -18.90
N GLY A 58 23.17 -18.23 -18.99
CA GLY A 58 24.09 -19.30 -19.31
C GLY A 58 24.52 -19.38 -20.76
N PHE A 59 23.85 -18.66 -21.66
CA PHE A 59 24.20 -18.68 -23.07
C PHE A 59 24.89 -17.43 -23.57
N LEU A 60 24.64 -16.27 -22.96
CA LEU A 60 25.25 -15.02 -23.39
C LEU A 60 26.29 -14.47 -22.43
N VAL A 61 26.23 -14.82 -21.15
CA VAL A 61 27.07 -14.22 -20.12
C VAL A 61 28.12 -15.21 -19.61
N MET A 62 27.67 -16.39 -19.17
CA MET A 62 28.59 -17.37 -18.62
C MET A 62 29.67 -17.85 -19.60
N PRO A 63 29.38 -18.12 -20.89
CA PRO A 63 30.46 -18.46 -21.81
C PRO A 63 31.45 -17.32 -22.02
N VAL A 64 30.99 -16.07 -22.00
CA VAL A 64 31.93 -14.95 -22.09
C VAL A 64 32.79 -14.89 -20.85
N SER A 65 32.23 -15.24 -19.68
CA SER A 65 33.04 -15.32 -18.47
C SER A 65 34.09 -16.43 -18.59
N MET A 66 33.73 -17.54 -19.25
CA MET A 66 34.72 -18.59 -19.49
C MET A 66 35.83 -18.10 -20.41
N LEU A 67 35.46 -17.39 -21.47
CA LEU A 67 36.46 -16.79 -22.35
C LEU A 67 37.37 -15.83 -21.57
N THR A 68 36.79 -15.10 -20.62
CA THR A 68 37.59 -14.19 -19.79
C THR A 68 38.57 -14.97 -18.92
N ILE A 69 38.10 -16.02 -18.24
CA ILE A 69 38.99 -16.80 -17.39
C ILE A 69 40.03 -17.55 -18.21
N LEU A 70 39.80 -17.75 -19.52
CA LEU A 70 40.82 -18.34 -20.36
C LEU A 70 41.92 -17.34 -20.73
N TYR A 71 41.58 -16.06 -20.82
CA TYR A 71 42.53 -15.01 -21.19
C TYR A 71 43.21 -14.38 -19.99
N GLY A 72 43.33 -15.12 -18.88
CA GLY A 72 43.92 -14.54 -17.68
C GLY A 72 43.15 -13.37 -17.14
N TYR A 73 41.81 -13.40 -17.26
CA TYR A 73 40.91 -12.35 -16.79
C TYR A 73 41.16 -11.02 -17.49
N ARG A 74 41.79 -11.03 -18.66
CA ARG A 74 41.94 -9.82 -19.47
C ARG A 74 40.86 -9.81 -20.54
N TRP A 75 40.18 -8.69 -20.66
CA TRP A 75 39.06 -8.56 -21.60
C TRP A 75 39.56 -8.58 -23.04
N PRO A 76 39.25 -9.62 -23.82
CA PRO A 76 39.76 -9.70 -25.20
C PRO A 76 38.89 -9.03 -26.25
N LEU A 77 37.66 -8.68 -25.94
CA LEU A 77 36.71 -8.14 -26.90
C LEU A 77 36.78 -6.62 -26.90
N PRO A 78 36.06 -5.96 -27.82
CA PRO A 78 36.04 -4.49 -27.82
C PRO A 78 35.58 -3.91 -26.48
N SER A 79 35.86 -2.62 -26.31
CA SER A 79 35.68 -1.97 -25.01
C SER A 79 34.20 -1.81 -24.67
N LYS A 80 33.36 -1.45 -25.65
CA LYS A 80 31.94 -1.27 -25.38
C LYS A 80 31.28 -2.56 -24.95
N LEU A 81 31.74 -3.69 -25.52
CA LEU A 81 31.17 -4.99 -25.18
C LEU A 81 31.36 -5.35 -23.71
N CYS A 82 32.35 -4.77 -23.04
CA CYS A 82 32.51 -5.02 -21.61
C CYS A 82 31.32 -4.46 -20.82
N ALA A 83 30.99 -3.19 -21.07
CA ALA A 83 29.83 -2.59 -20.42
C ALA A 83 28.55 -3.29 -20.83
N VAL A 84 28.43 -3.66 -22.12
CA VAL A 84 27.23 -4.36 -22.57
C VAL A 84 27.08 -5.70 -21.84
N TRP A 85 28.19 -6.41 -21.65
CA TRP A 85 28.16 -7.72 -21.02
C TRP A 85 27.85 -7.61 -19.53
N ILE A 86 28.43 -6.62 -18.85
CA ILE A 86 28.09 -6.40 -17.45
C ILE A 86 26.62 -6.03 -17.30
N TYR A 87 26.10 -5.23 -18.23
CA TYR A 87 24.68 -4.87 -18.20
C TYR A 87 23.81 -6.10 -18.35
N LEU A 88 24.13 -6.96 -19.32
CA LEU A 88 23.32 -8.16 -19.54
C LEU A 88 23.39 -9.09 -18.33
N ASP A 89 24.58 -9.25 -17.75
CA ASP A 89 24.74 -10.09 -16.57
C ASP A 89 23.87 -9.61 -15.42
N VAL A 90 24.04 -8.33 -15.04
CA VAL A 90 23.26 -7.77 -13.94
C VAL A 90 21.78 -7.82 -14.25
N LEU A 91 21.43 -7.57 -15.53
CA LEU A 91 20.04 -7.60 -15.94
C LEU A 91 19.40 -8.96 -15.69
N PHE A 92 20.05 -10.03 -16.17
CA PHE A 92 19.47 -11.35 -16.03
C PHE A 92 19.41 -11.79 -14.58
N SER A 93 20.46 -11.51 -13.79
CA SER A 93 20.43 -11.93 -12.39
C SER A 93 19.37 -11.17 -11.59
N THR A 94 19.29 -9.85 -11.80
CA THR A 94 18.28 -9.05 -11.12
C THR A 94 16.88 -9.46 -11.55
N ALA A 95 16.70 -9.77 -12.84
CA ALA A 95 15.41 -10.27 -13.31
C ALA A 95 15.05 -11.57 -12.64
N LYS A 96 16.02 -12.46 -12.42
CA LYS A 96 15.73 -13.71 -11.72
C LYS A 96 15.26 -13.46 -10.29
N ILE A 97 16.02 -12.67 -9.53
CA ILE A 97 15.66 -12.48 -8.13
C ILE A 97 14.33 -11.74 -8.00
N TRP A 98 14.07 -10.78 -8.90
CA TRP A 98 12.80 -10.08 -8.83
C TRP A 98 11.65 -10.91 -9.37
N HIS A 99 11.92 -11.89 -10.24
CA HIS A 99 10.90 -12.88 -10.57
C HIS A 99 10.51 -13.67 -9.34
N LEU A 100 11.50 -14.10 -8.56
CA LEU A 100 11.19 -14.80 -7.30
C LEU A 100 10.36 -13.92 -6.37
N CYS A 101 10.78 -12.66 -6.22
CA CYS A 101 10.07 -11.73 -5.35
C CYS A 101 8.63 -11.51 -5.82
N ALA A 102 8.44 -11.35 -7.14
CA ALA A 102 7.11 -11.17 -7.69
C ALA A 102 6.26 -12.41 -7.49
N ILE A 103 6.86 -13.59 -7.61
CA ILE A 103 6.11 -14.82 -7.35
C ILE A 103 5.60 -14.84 -5.92
N SER A 104 6.49 -14.55 -4.96
CA SER A 104 6.09 -14.56 -3.56
C SER A 104 4.97 -13.55 -3.30
N LEU A 105 5.16 -12.30 -3.73
CA LEU A 105 4.17 -11.27 -3.47
C LEU A 105 2.84 -11.56 -4.18
N ASP A 106 2.90 -12.03 -5.43
CA ASP A 106 1.68 -12.30 -6.18
C ASP A 106 0.89 -13.44 -5.56
N ARG A 107 1.57 -14.51 -5.14
CA ARG A 107 0.86 -15.61 -4.49
C ARG A 107 0.26 -15.18 -3.16
N TYR A 108 0.98 -14.35 -2.40
CA TYR A 108 0.44 -13.86 -1.14
C TYR A 108 -0.82 -13.02 -1.37
N VAL A 109 -0.73 -12.02 -2.24
CA VAL A 109 -1.89 -11.19 -2.56
C VAL A 109 -3.03 -12.04 -3.08
N ALA A 110 -2.72 -13.10 -3.84
CA ALA A 110 -3.75 -13.98 -4.36
C ALA A 110 -4.49 -14.69 -3.22
N ILE A 111 -3.74 -15.35 -2.33
CA ILE A 111 -4.37 -16.07 -1.23
C ILE A 111 -5.07 -15.13 -0.26
N GLN A 112 -4.81 -13.83 -0.37
CA GLN A 112 -5.60 -12.86 0.40
C GLN A 112 -7.03 -12.77 -0.13
N ASN A 113 -7.22 -12.93 -1.44
CA ASN A 113 -8.54 -12.77 -2.06
C ASN A 113 -9.46 -13.92 -1.66
N PRO A 114 -10.64 -13.63 -1.07
CA PRO A 114 -11.49 -14.71 -0.54
C PRO A 114 -12.08 -15.64 -1.59
N ILE A 115 -11.89 -15.38 -2.88
CA ILE A 115 -12.40 -16.28 -3.91
C ILE A 115 -11.23 -16.77 -4.76
N HIS A 116 -10.06 -16.89 -4.16
CA HIS A 116 -8.85 -17.26 -4.88
C HIS A 116 -8.76 -18.75 -5.19
N HIS A 117 -9.80 -19.52 -4.87
CA HIS A 117 -9.87 -20.92 -5.29
C HIS A 117 -10.79 -21.11 -6.48
N SER A 118 -11.23 -20.02 -7.12
CA SER A 118 -12.04 -20.11 -8.31
C SER A 118 -11.18 -20.50 -9.51
N ARG A 119 -11.81 -21.18 -10.46
CA ARG A 119 -11.12 -21.67 -11.65
C ARG A 119 -10.74 -20.55 -12.62
N PHE A 120 -11.27 -19.34 -12.44
CA PHE A 120 -11.09 -18.25 -13.40
C PHE A 120 -9.81 -17.50 -13.08
N ASN A 121 -8.73 -17.83 -13.80
CA ASN A 121 -7.47 -17.11 -13.71
C ASN A 121 -7.13 -16.56 -15.09
N SER A 122 -6.65 -15.32 -15.15
CA SER A 122 -6.35 -14.69 -16.43
C SER A 122 -4.89 -14.87 -16.78
N ARG A 123 -4.64 -15.36 -18.00
CA ARG A 123 -3.28 -15.51 -18.53
C ARG A 123 -2.65 -14.15 -18.83
N THR A 124 -3.44 -13.24 -19.40
CA THR A 124 -2.91 -11.94 -19.83
C THR A 124 -2.40 -11.12 -18.66
N LYS A 125 -3.08 -11.19 -17.51
CA LYS A 125 -2.63 -10.44 -16.34
C LYS A 125 -1.26 -10.93 -15.87
N ALA A 126 -1.08 -12.25 -15.81
CA ALA A 126 0.23 -12.80 -15.43
C ALA A 126 1.30 -12.38 -16.43
N PHE A 127 0.97 -12.40 -17.72
CA PHE A 127 1.95 -11.98 -18.72
C PHE A 127 2.34 -10.51 -18.53
N LEU A 128 1.36 -9.66 -18.24
CA LEU A 128 1.65 -8.25 -17.99
C LEU A 128 2.53 -8.08 -16.76
N LYS A 129 2.28 -8.86 -15.71
CA LYS A 129 3.16 -8.79 -14.54
C LYS A 129 4.58 -9.19 -14.88
N ILE A 130 4.74 -10.25 -15.69
CA ILE A 130 6.07 -10.69 -16.09
C ILE A 130 6.79 -9.59 -16.88
N ILE A 131 6.05 -8.94 -17.80
CA ILE A 131 6.66 -7.87 -18.58
C ILE A 131 7.06 -6.71 -17.68
N ALA A 132 6.23 -6.42 -16.67
CA ALA A 132 6.56 -5.37 -15.71
C ALA A 132 7.84 -5.71 -14.96
N VAL A 133 8.01 -6.97 -14.58
CA VAL A 133 9.22 -7.35 -13.85
C VAL A 133 10.46 -7.22 -14.74
N TRP A 134 10.35 -7.65 -15.99
CA TRP A 134 11.47 -7.49 -16.91
C TRP A 134 11.82 -6.01 -17.12
N THR A 135 10.80 -5.15 -17.20
CA THR A 135 11.05 -3.73 -17.32
C THR A 135 11.74 -3.17 -16.07
N ILE A 136 11.32 -3.63 -14.90
CA ILE A 136 11.97 -3.23 -13.65
C ILE A 136 13.45 -3.62 -13.69
N SER A 137 13.74 -4.82 -14.18
CA SER A 137 15.13 -5.28 -14.25
C SER A 137 15.94 -4.40 -15.19
N VAL A 138 15.38 -4.08 -16.36
CA VAL A 138 16.08 -3.21 -17.32
C VAL A 138 16.34 -1.85 -16.69
N GLY A 139 15.36 -1.31 -15.97
CA GLY A 139 15.54 -0.01 -15.33
C GLY A 139 16.62 -0.03 -14.26
N ILE A 140 16.67 -1.11 -13.47
CA ILE A 140 17.71 -1.22 -12.46
C ILE A 140 19.10 -1.34 -13.10
N SER A 141 19.17 -2.03 -14.24
CA SER A 141 20.47 -2.27 -14.87
C SER A 141 20.94 -1.15 -15.81
N MET A 142 20.07 -0.20 -16.13
CA MET A 142 20.45 0.88 -17.06
C MET A 142 21.66 1.73 -16.64
N PRO A 143 21.93 1.99 -15.36
CA PRO A 143 23.11 2.80 -15.01
C PRO A 143 24.43 2.27 -15.55
N ILE A 144 24.55 0.97 -15.82
CA ILE A 144 25.81 0.42 -16.29
C ILE A 144 26.01 0.81 -17.75
N PRO A 145 25.03 0.64 -18.65
CA PRO A 145 25.23 1.18 -20.01
C PRO A 145 25.35 2.69 -20.04
N VAL A 146 24.61 3.40 -19.21
CA VAL A 146 24.66 4.87 -19.26
C VAL A 146 26.06 5.36 -18.92
N PHE A 147 26.53 5.07 -17.70
CA PHE A 147 27.83 5.54 -17.26
C PHE A 147 29.00 4.68 -17.75
N GLY A 148 28.75 3.42 -18.10
CA GLY A 148 29.84 2.55 -18.53
C GLY A 148 30.37 2.86 -19.92
N LEU A 149 29.48 3.16 -20.86
CA LEU A 149 29.95 3.53 -22.19
C LEU A 149 30.50 4.95 -22.22
N GLN A 150 29.93 5.85 -21.40
CA GLN A 150 30.48 7.19 -21.29
C GLN A 150 31.86 7.19 -20.65
N ASP A 151 32.09 6.30 -19.68
CA ASP A 151 33.32 6.28 -18.90
C ASP A 151 33.92 4.89 -18.92
N ASP A 152 35.12 4.76 -19.47
CA ASP A 152 35.79 3.47 -19.54
C ASP A 152 36.26 2.97 -18.18
N SER A 153 36.42 3.87 -17.20
CA SER A 153 37.01 3.47 -15.93
C SER A 153 36.02 2.78 -15.01
N LYS A 154 34.72 3.09 -15.12
CA LYS A 154 33.73 2.49 -14.23
C LYS A 154 33.41 1.04 -14.58
N VAL A 155 33.85 0.55 -15.74
CA VAL A 155 33.61 -0.82 -16.14
C VAL A 155 34.89 -1.62 -16.36
N PHE A 156 36.06 -1.00 -16.18
CA PHE A 156 37.33 -1.67 -16.32
C PHE A 156 38.11 -1.56 -15.02
N LYS A 157 38.80 -2.64 -14.67
CA LYS A 157 39.52 -2.73 -13.39
C LYS A 157 40.86 -3.42 -13.67
N GLU A 158 41.88 -2.62 -13.96
CA GLU A 158 43.22 -3.11 -14.28
C GLU A 158 43.20 -4.05 -15.49
N GLY A 159 42.58 -3.58 -16.57
CA GLY A 159 42.53 -4.36 -17.80
C GLY A 159 41.41 -5.37 -17.80
N SER A 160 40.99 -5.81 -16.61
CA SER A 160 39.92 -6.78 -16.48
C SER A 160 38.56 -6.08 -16.53
N CYS A 161 37.58 -6.75 -17.13
CA CYS A 161 36.24 -6.21 -17.29
C CYS A 161 35.45 -6.50 -16.03
N LEU A 162 35.50 -5.58 -15.08
CA LEU A 162 34.79 -5.70 -13.82
C LEU A 162 34.08 -4.39 -13.50
N LEU A 163 32.96 -4.49 -12.79
CA LEU A 163 32.25 -3.31 -12.30
C LEU A 163 33.07 -2.73 -11.16
N ALA A 164 33.85 -1.69 -11.47
CA ALA A 164 34.83 -1.16 -10.53
C ALA A 164 34.31 -0.02 -9.67
N ASP A 165 33.16 0.55 -9.99
CA ASP A 165 32.62 1.65 -9.20
C ASP A 165 32.09 1.12 -7.87
N ASP A 166 32.60 1.66 -6.76
CA ASP A 166 32.20 1.18 -5.44
C ASP A 166 30.75 1.54 -5.15
N ASN A 167 30.36 2.77 -5.50
CA ASN A 167 28.98 3.19 -5.29
C ASN A 167 28.03 2.31 -6.08
N PHE A 168 28.37 2.02 -7.33
CA PHE A 168 27.54 1.12 -8.14
C PHE A 168 27.44 -0.24 -7.49
N VAL A 169 28.57 -0.77 -6.98
CA VAL A 169 28.58 -2.09 -6.37
C VAL A 169 27.64 -2.13 -5.17
N LEU A 170 27.73 -1.13 -4.29
CA LEU A 170 26.93 -1.16 -3.07
C LEU A 170 25.45 -0.92 -3.36
N ILE A 171 25.15 0.07 -4.21
CA ILE A 171 23.76 0.35 -4.54
C ILE A 171 23.14 -0.83 -5.29
N GLY A 172 23.92 -1.54 -6.10
CA GLY A 172 23.39 -2.70 -6.79
C GLY A 172 23.21 -3.89 -5.87
N SER A 173 24.12 -4.07 -4.91
CA SER A 173 23.92 -5.10 -3.90
C SER A 173 22.63 -4.86 -3.12
N PHE A 174 22.32 -3.60 -2.82
CA PHE A 174 21.10 -3.32 -2.08
C PHE A 174 19.86 -3.45 -2.95
N VAL A 175 19.82 -2.77 -4.10
CA VAL A 175 18.61 -2.72 -4.90
C VAL A 175 18.34 -4.05 -5.59
N SER A 176 19.39 -4.75 -6.02
CA SER A 176 19.22 -5.97 -6.79
C SER A 176 19.27 -7.24 -5.96
N PHE A 177 19.82 -7.19 -4.75
CA PHE A 177 19.91 -8.41 -3.95
C PHE A 177 19.22 -8.28 -2.59
N PHE A 178 19.51 -7.24 -1.81
CA PHE A 178 19.09 -7.22 -0.41
C PHE A 178 17.60 -6.93 -0.28
N ILE A 179 17.13 -5.90 -1.00
CA ILE A 179 15.71 -5.52 -0.90
C ILE A 179 14.79 -6.65 -1.34
N PRO A 180 14.96 -7.26 -2.52
CA PRO A 180 14.07 -8.38 -2.87
C PRO A 180 14.20 -9.57 -1.94
N LEU A 181 15.41 -9.81 -1.39
CA LEU A 181 15.58 -10.88 -0.41
C LEU A 181 14.73 -10.65 0.82
N THR A 182 14.81 -9.45 1.39
CA THR A 182 14.02 -9.15 2.59
C THR A 182 12.53 -9.22 2.29
N ILE A 183 12.11 -8.68 1.14
CA ILE A 183 10.70 -8.75 0.77
C ILE A 183 10.26 -10.20 0.65
N MET A 184 11.11 -11.04 0.06
CA MET A 184 10.81 -12.47 -0.09
C MET A 184 10.62 -13.14 1.27
N VAL A 185 11.54 -12.90 2.21
CA VAL A 185 11.46 -13.52 3.53
C VAL A 185 10.16 -13.11 4.23
N ILE A 186 9.90 -11.80 4.28
CA ILE A 186 8.70 -11.29 4.94
C ILE A 186 7.45 -11.90 4.31
N THR A 187 7.38 -11.89 2.98
CA THR A 187 6.20 -12.39 2.29
C THR A 187 6.01 -13.88 2.53
N TYR A 188 7.11 -14.64 2.58
CA TYR A 188 7.02 -16.08 2.83
C TYR A 188 6.41 -16.36 4.20
N PHE A 189 6.90 -15.68 5.24
CA PHE A 189 6.37 -15.96 6.57
C PHE A 189 4.93 -15.47 6.70
N LEU A 190 4.62 -14.32 6.08
CA LEU A 190 3.23 -13.88 6.05
C LEU A 190 2.34 -14.88 5.32
N THR A 191 2.88 -15.54 4.30
CA THR A 191 2.11 -16.54 3.56
C THR A 191 1.81 -17.75 4.44
N ILE A 192 2.79 -18.21 5.22
CA ILE A 192 2.52 -19.35 6.09
C ILE A 192 1.46 -18.97 7.13
N LYS A 193 1.50 -17.73 7.63
CA LYS A 193 0.48 -17.30 8.59
C LYS A 193 -0.91 -17.22 7.94
N SER A 194 -0.98 -16.71 6.71
CA SER A 194 -2.26 -16.60 6.02
C SER A 194 -2.85 -17.98 5.72
N LEU A 195 -2.01 -18.95 5.34
CA LEU A 195 -2.51 -20.30 5.09
C LEU A 195 -2.99 -20.95 6.38
N GLN A 196 -2.30 -20.71 7.50
CA GLN A 196 -2.79 -21.19 8.78
C GLN A 196 -4.17 -20.61 9.10
N LYS A 197 -4.34 -19.30 8.85
CA LYS A 197 -5.65 -18.66 9.03
C LYS A 197 -6.71 -19.33 8.15
N GLU A 198 -6.34 -19.64 6.91
CA GLU A 198 -7.27 -20.31 5.99
C GLU A 198 -7.73 -21.64 6.54
N ALA A 199 -6.78 -22.46 7.02
CA ALA A 199 -7.14 -23.76 7.58
C ALA A 199 -8.03 -23.62 8.81
N ALA A 200 -7.73 -22.64 9.66
CA ALA A 200 -8.56 -22.42 10.85
C ALA A 200 -9.99 -22.05 10.46
N ASP A 201 -10.13 -21.16 9.48
CA ASP A 201 -11.46 -20.76 9.04
C ASP A 201 -12.22 -21.95 8.44
N LEU A 202 -11.51 -22.81 7.69
CA LEU A 202 -12.16 -23.99 7.13
C LEU A 202 -12.67 -24.92 8.24
N GLU A 203 -11.85 -25.13 9.28
CA GLU A 203 -12.31 -25.96 10.40
C GLU A 203 -13.52 -25.33 11.08
N ASP A 204 -13.53 -24.00 11.20
CA ASP A 204 -14.70 -23.33 11.78
C ASP A 204 -15.94 -23.57 10.94
N ASN A 205 -15.80 -23.48 9.61
CA ASN A 205 -16.94 -23.73 8.73
C ASN A 205 -17.46 -25.15 8.90
N TRP A 206 -16.54 -26.12 9.03
CA TRP A 206 -16.96 -27.51 9.23
C TRP A 206 -17.70 -27.66 10.55
N GLU A 207 -17.22 -26.99 11.60
CA GLU A 207 -17.90 -27.04 12.90
C GLU A 207 -19.32 -26.51 12.78
N THR A 208 -19.49 -25.37 12.12
CA THR A 208 -20.82 -24.82 11.91
C THR A 208 -21.71 -25.79 11.15
N LEU A 209 -21.16 -26.41 10.09
CA LEU A 209 -21.94 -27.35 9.30
C LEU A 209 -22.40 -28.53 10.14
N ASN A 210 -21.52 -29.10 10.96
CA ASN A 210 -21.92 -30.23 11.80
C ASN A 210 -22.96 -29.82 12.85
N ASP A 211 -22.74 -28.68 13.50
CA ASP A 211 -23.71 -28.21 14.50
C ASP A 211 -25.10 -28.10 13.88
N ASN A 212 -25.19 -27.48 12.70
CA ASN A 212 -26.51 -27.26 12.12
C ASN A 212 -27.09 -28.53 11.50
N LEU A 213 -26.25 -29.44 11.01
CA LEU A 213 -26.76 -30.75 10.60
C LEU A 213 -27.38 -31.50 11.78
N LYS A 214 -26.73 -31.44 12.94
CA LYS A 214 -27.29 -32.09 14.11
C LYS A 214 -28.58 -31.40 14.56
N VAL A 215 -28.63 -30.07 14.48
CA VAL A 215 -29.87 -29.36 14.78
C VAL A 215 -30.99 -29.81 13.86
N ILE A 216 -30.71 -29.93 12.56
CA ILE A 216 -31.73 -30.34 11.60
C ILE A 216 -32.21 -31.76 11.92
N GLU A 217 -31.29 -32.65 12.30
CA GLU A 217 -31.68 -34.03 12.59
C GLU A 217 -32.76 -34.11 13.67
N LYS A 218 -32.74 -33.20 14.63
CA LYS A 218 -33.70 -33.21 15.73
C LYS A 218 -34.73 -32.09 15.63
N ALA A 219 -34.96 -31.55 14.43
CA ALA A 219 -35.85 -30.42 14.31
C ALA A 219 -37.31 -30.84 14.39
N ASP A 220 -38.17 -29.87 14.71
CA ASP A 220 -39.61 -30.08 14.87
C ASP A 220 -40.42 -29.35 13.82
N ASN A 221 -40.14 -28.07 13.59
CA ASN A 221 -40.88 -27.23 12.65
C ASN A 221 -39.93 -26.70 11.58
N ALA A 222 -40.53 -26.05 10.58
CA ALA A 222 -39.77 -25.59 9.42
C ALA A 222 -38.89 -24.39 9.73
N ALA A 223 -39.25 -23.59 10.74
CA ALA A 223 -38.50 -22.37 11.03
C ALA A 223 -37.06 -22.69 11.42
N GLN A 224 -36.86 -23.58 12.38
CA GLN A 224 -35.50 -23.90 12.80
C GLN A 224 -34.77 -24.71 11.74
N VAL A 225 -35.49 -25.49 10.94
CA VAL A 225 -34.88 -26.15 9.78
C VAL A 225 -34.26 -25.10 8.86
N LYS A 226 -35.03 -24.06 8.54
CA LYS A 226 -34.53 -23.00 7.68
C LYS A 226 -33.37 -22.25 8.34
N ASP A 227 -33.44 -22.06 9.65
CA ASP A 227 -32.36 -21.34 10.35
C ASP A 227 -31.05 -22.12 10.29
N ALA A 228 -31.11 -23.41 10.61
CA ALA A 228 -29.92 -24.25 10.54
C ALA A 228 -29.40 -24.37 9.12
N LEU A 229 -30.31 -24.48 8.14
CA LEU A 229 -29.88 -24.53 6.74
C LEU A 229 -29.26 -23.22 6.28
N THR A 230 -29.73 -22.10 6.82
CA THR A 230 -29.13 -20.80 6.48
C THR A 230 -27.71 -20.70 7.02
N LYS A 231 -27.53 -21.09 8.28
CA LYS A 231 -26.18 -21.12 8.84
C LYS A 231 -25.28 -22.07 8.07
N MET A 232 -25.81 -23.24 7.69
CA MET A 232 -25.06 -24.19 6.88
C MET A 232 -24.67 -23.60 5.53
N ARG A 233 -25.60 -22.88 4.89
CA ARG A 233 -25.30 -22.29 3.59
C ARG A 233 -24.20 -21.25 3.71
N ALA A 234 -24.26 -20.41 4.75
CA ALA A 234 -23.19 -19.44 4.97
C ALA A 234 -21.85 -20.14 5.17
N ALA A 235 -21.82 -21.16 6.02
CA ALA A 235 -20.58 -21.89 6.27
C ALA A 235 -20.04 -22.52 5.00
N ALA A 236 -20.90 -23.17 4.22
CA ALA A 236 -20.46 -23.84 3.01
C ALA A 236 -19.98 -22.86 1.96
N LEU A 237 -20.64 -21.70 1.86
CA LEU A 237 -20.18 -20.68 0.92
C LEU A 237 -18.80 -20.15 1.31
N ASP A 238 -18.59 -19.96 2.62
CA ASP A 238 -17.28 -19.52 3.09
C ASP A 238 -16.21 -20.58 2.84
N ALA A 239 -16.56 -21.85 3.02
CA ALA A 239 -15.55 -22.92 2.96
C ALA A 239 -15.02 -23.14 1.55
N GLY A 240 -15.81 -22.81 0.52
CA GLY A 240 -15.36 -23.04 -0.84
C GLY A 240 -14.24 -22.11 -1.27
N SER A 241 -14.02 -21.00 -0.53
CA SER A 241 -13.05 -19.98 -0.91
C SER A 241 -13.23 -19.56 -2.37
N GLY A 242 -14.48 -19.48 -2.79
CA GLY A 242 -14.81 -19.04 -4.13
C GLY A 242 -14.63 -20.07 -5.22
N SER A 243 -14.35 -21.32 -4.87
CA SER A 243 -14.16 -22.36 -5.87
C SER A 243 -15.36 -22.45 -6.81
N GLY A 244 -16.54 -22.63 -6.23
CA GLY A 244 -17.78 -22.64 -6.97
C GLY A 244 -18.18 -24.07 -7.23
N ASP A 245 -19.06 -24.62 -6.39
CA ASP A 245 -19.45 -26.01 -6.52
C ASP A 245 -20.96 -26.15 -6.39
N ILE A 246 -21.40 -27.40 -6.46
CA ILE A 246 -22.80 -27.78 -6.31
C ILE A 246 -23.30 -27.71 -4.87
N LEU A 247 -22.39 -27.72 -3.89
CA LEU A 247 -22.80 -27.88 -2.48
C LEU A 247 -23.75 -26.79 -2.03
N VAL A 248 -23.42 -25.53 -2.31
CA VAL A 248 -24.33 -24.44 -1.94
C VAL A 248 -25.66 -24.58 -2.68
N GLY A 249 -25.63 -25.08 -3.92
CA GLY A 249 -26.87 -25.33 -4.65
C GLY A 249 -27.74 -26.38 -3.98
N GLN A 250 -27.12 -27.47 -3.51
CA GLN A 250 -27.88 -28.50 -2.82
C GLN A 250 -28.45 -27.98 -1.51
N ILE A 251 -27.67 -27.15 -0.79
CA ILE A 251 -28.19 -26.53 0.42
C ILE A 251 -29.35 -25.61 0.10
N ASP A 252 -29.29 -24.94 -1.06
CA ASP A 252 -30.41 -24.10 -1.47
C ASP A 252 -31.63 -24.92 -1.85
N ASP A 253 -31.43 -26.10 -2.44
CA ASP A 253 -32.56 -27.00 -2.70
C ASP A 253 -33.23 -27.40 -1.39
N ALA A 254 -32.43 -27.83 -0.41
CA ALA A 254 -32.97 -28.13 0.91
C ALA A 254 -33.66 -26.92 1.52
N LEU A 255 -33.10 -25.74 1.30
CA LEU A 255 -33.65 -24.50 1.85
C LEU A 255 -34.98 -24.15 1.20
N LYS A 256 -35.13 -24.43 -0.10
CA LYS A 256 -36.42 -24.27 -0.76
C LYS A 256 -37.44 -25.22 -0.16
N LEU A 257 -37.05 -26.50 0.01
CA LEU A 257 -37.93 -27.45 0.67
C LEU A 257 -38.36 -26.95 2.05
N ALA A 258 -37.43 -26.34 2.79
CA ALA A 258 -37.78 -25.79 4.10
C ALA A 258 -38.72 -24.61 3.99
N ASN A 259 -38.48 -23.72 3.01
CA ASN A 259 -39.32 -22.53 2.83
C ASN A 259 -40.75 -22.91 2.47
N GLU A 260 -40.92 -23.98 1.70
CA GLU A 260 -42.26 -24.46 1.37
C GLU A 260 -42.97 -25.09 2.55
N GLY A 261 -42.26 -25.37 3.65
CA GLY A 261 -42.85 -25.96 4.83
C GLY A 261 -42.64 -27.45 4.97
N LYS A 262 -42.02 -28.10 3.99
CA LYS A 262 -41.81 -29.55 4.01
C LYS A 262 -40.64 -29.87 4.91
N VAL A 263 -40.94 -30.35 6.13
CA VAL A 263 -39.89 -30.54 7.13
C VAL A 263 -39.19 -31.89 6.93
N LYS A 264 -39.97 -32.95 6.72
CA LYS A 264 -39.39 -34.28 6.58
C LYS A 264 -38.47 -34.36 5.35
N GLU A 265 -38.93 -33.82 4.22
CA GLU A 265 -38.13 -33.84 3.01
C GLU A 265 -36.87 -32.99 3.16
N ALA A 266 -36.99 -31.85 3.86
CA ALA A 266 -35.81 -31.04 4.12
C ALA A 266 -34.79 -31.79 4.98
N GLN A 267 -35.28 -32.55 5.96
CA GLN A 267 -34.38 -33.34 6.79
C GLN A 267 -33.67 -34.43 5.97
N ALA A 268 -34.40 -35.09 5.07
CA ALA A 268 -33.76 -36.07 4.20
C ALA A 268 -32.70 -35.43 3.30
N ALA A 269 -33.03 -34.26 2.72
CA ALA A 269 -32.05 -33.54 1.92
C ALA A 269 -30.80 -33.20 2.73
N ALA A 270 -30.98 -32.80 3.98
CA ALA A 270 -29.84 -32.53 4.85
C ALA A 270 -29.05 -33.80 5.14
N GLU A 271 -29.74 -34.94 5.21
CA GLU A 271 -29.05 -36.20 5.42
C GLU A 271 -28.08 -36.49 4.27
N GLN A 272 -28.55 -36.35 3.03
CA GLN A 272 -27.64 -36.50 1.89
C GLN A 272 -26.53 -35.44 1.90
N LEU A 273 -26.91 -34.22 2.26
CA LEU A 273 -25.94 -33.12 2.38
C LEU A 273 -24.82 -33.46 3.35
N LYS A 274 -25.09 -34.27 4.36
CA LYS A 274 -24.05 -34.64 5.31
C LYS A 274 -22.85 -35.28 4.62
N THR A 275 -23.10 -36.32 3.82
CA THR A 275 -22.03 -36.96 3.06
C THR A 275 -21.40 -35.99 2.08
N THR A 276 -22.23 -35.26 1.33
CA THR A 276 -21.68 -34.31 0.35
C THR A 276 -20.76 -33.30 1.03
N ILE A 277 -21.13 -32.84 2.23
CA ILE A 277 -20.37 -31.84 2.95
C ILE A 277 -19.05 -32.40 3.43
N ASN A 278 -19.07 -33.62 3.98
CA ASN A 278 -17.80 -34.25 4.38
C ASN A 278 -16.84 -34.30 3.20
N ALA A 279 -17.34 -34.76 2.04
CA ALA A 279 -16.48 -34.85 0.86
C ALA A 279 -15.90 -33.49 0.47
N TYR A 280 -16.77 -32.47 0.36
CA TYR A 280 -16.30 -31.17 -0.11
C TYR A 280 -15.35 -30.52 0.90
N ILE A 281 -15.60 -30.71 2.19
CA ILE A 281 -14.69 -30.17 3.21
C ILE A 281 -13.32 -30.79 3.08
N GLN A 282 -13.26 -32.11 2.87
CA GLN A 282 -11.96 -32.75 2.66
C GLN A 282 -11.28 -32.19 1.41
N LYS A 283 -12.05 -31.95 0.35
CA LYS A 283 -11.48 -31.37 -0.87
C LYS A 283 -10.86 -30.00 -0.60
N TYR A 284 -11.57 -29.16 0.17
CA TYR A 284 -11.05 -27.82 0.46
C TYR A 284 -9.78 -27.90 1.30
N GLY A 285 -9.76 -28.81 2.28
CA GLY A 285 -8.55 -29.01 3.06
C GLY A 285 -7.38 -29.46 2.21
N GLN A 286 -7.65 -30.33 1.24
CA GLN A 286 -6.59 -30.76 0.33
C GLN A 286 -6.08 -29.60 -0.52
N SER A 287 -6.98 -28.71 -0.94
CA SER A 287 -6.54 -27.52 -1.67
C SER A 287 -5.60 -26.66 -0.81
N ILE A 288 -5.96 -26.45 0.45
CA ILE A 288 -5.10 -25.67 1.34
C ILE A 288 -3.75 -26.35 1.52
N SER A 289 -3.76 -27.68 1.66
CA SER A 289 -2.50 -28.41 1.80
C SER A 289 -1.64 -28.29 0.55
N ASN A 290 -2.27 -28.25 -0.62
CA ASN A 290 -1.52 -28.08 -1.87
C ASN A 290 -0.88 -26.69 -1.92
N GLU A 291 -1.61 -25.68 -1.47
CA GLU A 291 -1.01 -24.34 -1.37
C GLU A 291 0.17 -24.35 -0.41
N GLN A 292 0.05 -25.09 0.70
CA GLN A 292 1.17 -25.19 1.64
C GLN A 292 2.39 -25.84 1.00
N LYS A 293 2.17 -26.93 0.25
CA LYS A 293 3.30 -27.60 -0.39
C LYS A 293 3.97 -26.71 -1.42
N ALA A 294 3.17 -26.01 -2.24
CA ALA A 294 3.75 -25.09 -3.21
C ALA A 294 4.53 -23.98 -2.52
N CYS A 295 4.01 -23.47 -1.40
CA CYS A 295 4.71 -22.47 -0.63
C CYS A 295 6.08 -22.98 -0.18
N LYS A 296 6.12 -24.20 0.36
CA LYS A 296 7.38 -24.74 0.86
C LYS A 296 8.36 -25.01 -0.28
N VAL A 297 7.87 -25.50 -1.42
CA VAL A 297 8.77 -25.75 -2.55
C VAL A 297 9.36 -24.45 -3.08
N LEU A 298 8.53 -23.42 -3.24
CA LEU A 298 9.06 -22.14 -3.67
C LEU A 298 10.00 -21.54 -2.64
N GLY A 299 9.77 -21.81 -1.35
CA GLY A 299 10.71 -21.39 -0.34
C GLY A 299 12.06 -22.09 -0.47
N ILE A 300 12.04 -23.37 -0.81
CA ILE A 300 13.28 -24.09 -1.10
C ILE A 300 14.00 -23.44 -2.27
N VAL A 301 13.26 -23.09 -3.32
CA VAL A 301 13.87 -22.43 -4.49
C VAL A 301 14.53 -21.12 -4.06
N PHE A 302 13.78 -20.28 -3.33
CA PHE A 302 14.30 -19.01 -2.87
C PHE A 302 15.55 -19.20 -2.03
N PHE A 303 15.50 -20.15 -1.09
CA PHE A 303 16.63 -20.39 -0.19
C PHE A 303 17.87 -20.82 -0.97
N LEU A 304 17.70 -21.76 -1.90
CA LEU A 304 18.85 -22.22 -2.68
C LEU A 304 19.48 -21.07 -3.46
N PHE A 305 18.64 -20.27 -4.15
CA PHE A 305 19.17 -19.17 -4.95
C PHE A 305 19.91 -18.17 -4.06
N VAL A 306 19.29 -17.75 -2.96
CA VAL A 306 19.88 -16.72 -2.11
C VAL A 306 21.14 -17.23 -1.44
N VAL A 307 21.11 -18.47 -0.92
CA VAL A 307 22.28 -19.03 -0.24
C VAL A 307 23.43 -19.21 -1.21
N MET A 308 23.15 -19.56 -2.47
CA MET A 308 24.23 -19.73 -3.42
C MET A 308 24.81 -18.41 -3.87
N TRP A 309 24.00 -17.35 -3.92
CA TRP A 309 24.54 -16.04 -4.29
C TRP A 309 25.09 -15.25 -3.11
N CYS A 310 24.86 -15.68 -1.88
CA CYS A 310 25.31 -14.92 -0.70
C CYS A 310 26.82 -14.85 -0.56
N PRO A 311 27.58 -15.93 -0.77
CA PRO A 311 29.05 -15.80 -0.66
C PRO A 311 29.63 -14.72 -1.57
N PHE A 312 29.14 -14.62 -2.81
CA PHE A 312 29.68 -13.63 -3.73
C PHE A 312 29.44 -12.22 -3.23
N PHE A 313 28.20 -11.92 -2.82
CA PHE A 313 27.89 -10.56 -2.35
C PHE A 313 28.64 -10.25 -1.06
N ILE A 314 28.74 -11.22 -0.15
CA ILE A 314 29.53 -11.05 1.07
C ILE A 314 30.95 -10.65 0.71
N THR A 315 31.62 -11.47 -0.11
CA THR A 315 33.02 -11.21 -0.45
C THR A 315 33.18 -9.91 -1.23
N ASN A 316 32.20 -9.56 -2.06
CA ASN A 316 32.32 -8.34 -2.87
C ASN A 316 32.20 -7.10 -2.01
N ILE A 317 31.17 -7.03 -1.16
CA ILE A 317 31.04 -5.89 -0.26
C ILE A 317 32.22 -5.82 0.70
N MET A 318 32.73 -6.98 1.12
CA MET A 318 33.89 -6.99 2.01
C MET A 318 35.13 -6.43 1.30
N ALA A 319 35.37 -6.85 0.06
CA ALA A 319 36.49 -6.33 -0.71
C ALA A 319 36.33 -4.86 -1.05
N VAL A 320 35.09 -4.36 -1.10
CA VAL A 320 34.89 -2.93 -1.28
C VAL A 320 35.21 -2.18 0.00
N ILE A 321 34.88 -2.77 1.16
CA ILE A 321 35.12 -2.10 2.43
C ILE A 321 36.61 -2.08 2.76
N CYS A 322 37.23 -3.25 2.88
CA CYS A 322 38.65 -3.34 3.18
C CYS A 322 39.41 -3.49 1.85
N LYS A 323 40.05 -2.40 1.41
CA LYS A 323 40.89 -2.48 0.23
C LYS A 323 42.29 -2.99 0.56
N GLU A 324 42.75 -2.77 1.79
CA GLU A 324 44.07 -3.22 2.22
C GLU A 324 44.07 -3.98 3.54
N SER A 325 43.01 -3.88 4.34
CA SER A 325 42.96 -4.61 5.60
C SER A 325 42.90 -6.12 5.35
N CYS A 326 42.04 -6.54 4.44
CA CYS A 326 41.89 -7.96 4.12
C CYS A 326 42.75 -8.32 2.92
N ASN A 327 43.18 -9.58 2.88
CA ASN A 327 44.04 -10.06 1.81
C ASN A 327 43.24 -10.21 0.51
N GLU A 328 43.78 -9.66 -0.59
CA GLU A 328 43.02 -9.58 -1.82
C GLU A 328 43.35 -10.68 -2.83
N ASP A 329 44.43 -11.43 -2.66
CA ASP A 329 44.67 -12.58 -3.54
C ASP A 329 43.67 -13.69 -3.23
N VAL A 330 43.60 -14.09 -1.97
CA VAL A 330 42.57 -15.03 -1.54
C VAL A 330 41.18 -14.47 -1.80
N ILE A 331 41.03 -13.15 -1.71
CA ILE A 331 39.73 -12.53 -1.99
C ILE A 331 39.36 -12.69 -3.46
N GLY A 332 40.33 -12.52 -4.37
CA GLY A 332 40.05 -12.73 -5.78
C GLY A 332 39.71 -14.17 -6.09
N ALA A 333 40.44 -15.11 -5.48
CA ALA A 333 40.09 -16.51 -5.65
C ALA A 333 38.69 -16.81 -5.13
N LEU A 334 38.35 -16.27 -3.96
CA LEU A 334 37.00 -16.43 -3.41
C LEU A 334 35.95 -15.85 -4.34
N LEU A 335 36.23 -14.68 -4.92
CA LEU A 335 35.25 -14.06 -5.80
C LEU A 335 35.02 -14.89 -7.06
N ASN A 336 36.09 -15.44 -7.63
CA ASN A 336 35.93 -16.37 -8.75
C ASN A 336 35.03 -17.54 -8.36
N VAL A 337 35.42 -18.26 -7.29
CA VAL A 337 34.68 -19.44 -6.87
C VAL A 337 33.22 -19.11 -6.59
N PHE A 338 32.97 -17.96 -5.95
CA PHE A 338 31.61 -17.63 -5.52
C PHE A 338 30.76 -17.13 -6.69
N VAL A 339 31.36 -16.42 -7.65
CA VAL A 339 30.66 -16.10 -8.89
C VAL A 339 30.20 -17.39 -9.56
N TRP A 340 31.06 -18.41 -9.58
CA TRP A 340 30.65 -19.64 -10.27
C TRP A 340 29.63 -20.44 -9.45
N ILE A 341 29.67 -20.34 -8.12
CA ILE A 341 28.60 -20.94 -7.30
C ILE A 341 27.26 -20.26 -7.60
N GLY A 342 27.27 -18.92 -7.63
CA GLY A 342 26.06 -18.20 -7.98
C GLY A 342 25.54 -18.54 -9.36
N TYR A 343 26.45 -18.78 -10.31
CA TYR A 343 26.02 -19.23 -11.63
C TYR A 343 25.45 -20.64 -11.58
N LEU A 344 26.00 -21.50 -10.73
CA LEU A 344 25.45 -22.84 -10.55
C LEU A 344 24.02 -22.79 -10.01
N SER A 345 23.72 -21.75 -9.22
CA SER A 345 22.35 -21.58 -8.74
C SER A 345 21.35 -21.56 -9.89
N SER A 346 21.73 -20.98 -11.03
CA SER A 346 20.84 -20.91 -12.18
C SER A 346 20.54 -22.29 -12.75
N ALA A 347 21.50 -23.21 -12.69
CA ALA A 347 21.27 -24.58 -13.14
C ALA A 347 20.54 -25.44 -12.11
N VAL A 348 20.61 -25.06 -10.82
CA VAL A 348 20.02 -25.90 -9.78
C VAL A 348 18.51 -26.03 -9.94
N ASN A 349 17.84 -24.95 -10.35
CA ASN A 349 16.36 -24.90 -10.32
C ASN A 349 15.65 -26.07 -10.97
N PRO A 350 15.97 -26.50 -12.20
CA PRO A 350 15.20 -27.62 -12.79
C PRO A 350 15.33 -28.91 -12.01
N LEU A 351 16.49 -29.16 -11.40
CA LEU A 351 16.62 -30.32 -10.51
C LEU A 351 15.62 -30.24 -9.37
N VAL A 352 15.46 -29.04 -8.78
CA VAL A 352 14.49 -28.86 -7.70
C VAL A 352 13.07 -29.10 -8.20
N TYR A 353 12.76 -28.61 -9.41
CA TYR A 353 11.44 -28.88 -9.99
C TYR A 353 11.23 -30.38 -10.14
N THR A 354 12.28 -31.12 -10.52
CA THR A 354 12.16 -32.56 -10.69
C THR A 354 11.93 -33.24 -9.34
N LEU A 355 12.60 -32.77 -8.29
CA LEU A 355 12.56 -33.45 -7.01
C LEU A 355 11.18 -33.37 -6.36
N PHE A 356 10.62 -32.17 -6.26
CA PHE A 356 9.42 -31.94 -5.45
C PHE A 356 8.17 -31.74 -6.29
N ASN A 357 8.17 -32.18 -7.54
CA ASN A 357 7.01 -32.02 -8.41
C ASN A 357 6.92 -33.22 -9.33
N LYS A 358 5.83 -33.99 -9.22
CA LYS A 358 5.70 -35.20 -10.02
C LYS A 358 5.39 -34.87 -11.48
N THR A 359 4.66 -33.78 -11.74
CA THR A 359 4.34 -33.42 -13.11
C THR A 359 5.60 -32.99 -13.86
N TYR A 360 6.41 -32.12 -13.26
CA TYR A 360 7.69 -31.74 -13.87
C TYR A 360 8.59 -32.94 -14.05
N ARG A 361 8.61 -33.85 -13.07
CA ARG A 361 9.49 -35.02 -13.16
C ARG A 361 9.07 -35.95 -14.29
N SER A 362 7.75 -36.18 -14.43
CA SER A 362 7.26 -37.00 -15.54
C SER A 362 7.55 -36.33 -16.88
N ALA A 363 7.34 -35.01 -16.96
CA ALA A 363 7.65 -34.29 -18.18
C ALA A 363 9.11 -34.44 -18.57
N PHE A 364 10.02 -34.28 -17.59
CA PHE A 364 11.44 -34.38 -17.89
C PHE A 364 11.84 -35.80 -18.26
N SER A 365 11.29 -36.80 -17.55
CA SER A 365 11.57 -38.19 -17.86
C SER A 365 11.09 -38.56 -19.27
N ARG A 366 10.00 -37.94 -19.73
CA ARG A 366 9.54 -38.21 -21.09
C ARG A 366 10.31 -37.38 -22.11
N TYR A 367 10.86 -36.24 -21.71
CA TYR A 367 11.60 -35.40 -22.64
C TYR A 367 13.00 -35.94 -22.91
N ILE A 368 13.65 -36.52 -21.89
CA ILE A 368 14.98 -37.07 -22.11
C ILE A 368 14.94 -38.18 -23.16
N GLN A 369 13.85 -38.95 -23.17
CA GLN A 369 13.65 -40.02 -24.14
C GLN A 369 12.95 -39.55 -25.41
N CYS A 370 12.62 -38.25 -25.50
CA CYS A 370 11.94 -37.67 -26.66
C CYS A 370 10.61 -38.38 -26.92
N GLN A 371 9.71 -38.27 -25.95
CA GLN A 371 8.38 -38.89 -26.01
C GLN A 371 7.33 -37.83 -25.68
N TYR A 372 6.84 -37.14 -26.70
CA TYR A 372 5.94 -36.01 -26.52
C TYR A 372 4.49 -36.42 -26.77
N GLN B 6 31.57 14.07 13.90
CA GLN B 6 31.12 12.96 14.75
C GLN B 6 29.93 13.38 15.60
N GLU B 7 29.91 14.67 15.98
CA GLU B 7 28.80 15.21 16.75
C GLU B 7 27.51 15.23 15.93
N LYS B 8 27.62 15.53 14.63
CA LYS B 8 26.47 15.66 13.75
C LYS B 8 25.66 14.37 13.61
N ASN B 9 26.31 13.21 13.74
CA ASN B 9 25.67 11.93 13.43
C ASN B 9 24.40 11.69 14.26
N TRP B 10 24.39 12.10 15.53
CA TRP B 10 23.18 11.91 16.33
C TRP B 10 22.02 12.77 15.85
N SER B 11 22.30 14.01 15.45
CA SER B 11 21.27 14.84 14.82
C SER B 11 20.75 14.14 13.56
N ALA B 12 21.67 13.56 12.79
CA ALA B 12 21.27 12.81 11.61
C ALA B 12 20.39 11.61 11.98
N LEU B 13 20.67 10.98 13.12
CA LEU B 13 19.88 9.85 13.58
C LEU B 13 18.45 10.26 13.88
N LEU B 14 18.29 11.35 14.65
CA LEU B 14 16.94 11.82 14.94
C LEU B 14 16.22 12.23 13.66
N THR B 15 16.94 12.83 12.72
CA THR B 15 16.38 13.14 11.41
C THR B 15 15.87 11.89 10.70
N ALA B 16 16.67 10.83 10.71
CA ALA B 16 16.27 9.58 10.06
C ALA B 16 15.04 8.99 10.73
N VAL B 17 14.96 9.09 12.06
CA VAL B 17 13.78 8.64 12.78
C VAL B 17 12.54 9.37 12.26
N VAL B 18 12.64 10.70 12.14
CA VAL B 18 11.51 11.48 11.64
C VAL B 18 11.16 11.07 10.22
N ILE B 19 12.18 10.81 9.39
CA ILE B 19 11.94 10.41 8.00
C ILE B 19 11.14 9.12 7.95
N ILE B 20 11.59 8.11 8.69
CA ILE B 20 10.92 6.81 8.68
C ILE B 20 9.50 6.93 9.20
N LEU B 21 9.31 7.69 10.27
CA LEU B 21 7.96 7.87 10.81
C LEU B 21 7.04 8.52 9.79
N THR B 22 7.53 9.58 9.12
CA THR B 22 6.73 10.24 8.10
C THR B 22 6.31 9.26 7.02
N ILE B 23 7.29 8.56 6.44
CA ILE B 23 6.98 7.66 5.31
C ILE B 23 6.00 6.58 5.75
N ALA B 24 6.25 5.94 6.89
CA ALA B 24 5.42 4.82 7.32
C ALA B 24 3.99 5.28 7.62
N GLY B 25 3.85 6.36 8.39
CA GLY B 25 2.52 6.83 8.73
C GLY B 25 1.72 7.25 7.52
N ASN B 26 2.34 7.98 6.58
CA ASN B 26 1.58 8.43 5.42
C ASN B 26 1.28 7.28 4.47
N ILE B 27 2.13 6.25 4.42
CA ILE B 27 1.79 5.06 3.64
C ILE B 27 0.61 4.35 4.28
N LEU B 28 0.55 4.31 5.62
CA LEU B 28 -0.61 3.76 6.30
C LEU B 28 -1.88 4.52 5.96
N VAL B 29 -1.80 5.85 5.93
CA VAL B 29 -2.97 6.66 5.58
C VAL B 29 -3.40 6.38 4.14
N ILE B 30 -2.44 6.30 3.23
CA ILE B 30 -2.75 5.99 1.83
C ILE B 30 -3.47 4.65 1.73
N MET B 31 -2.94 3.62 2.40
CA MET B 31 -3.58 2.31 2.35
C MET B 31 -4.98 2.35 2.96
N ALA B 32 -5.14 3.09 4.05
CA ALA B 32 -6.45 3.16 4.69
C ALA B 32 -7.48 3.82 3.77
N VAL B 33 -7.11 4.91 3.11
CA VAL B 33 -8.08 5.57 2.24
C VAL B 33 -8.33 4.76 0.97
N SER B 34 -7.31 4.08 0.44
CA SER B 34 -7.48 3.34 -0.80
C SER B 34 -8.20 2.01 -0.60
N LEU B 35 -8.08 1.40 0.58
CA LEU B 35 -8.60 0.07 0.84
C LEU B 35 -9.88 0.07 1.65
N GLU B 36 -10.00 0.93 2.66
CA GLU B 36 -11.17 0.92 3.51
C GLU B 36 -12.33 1.55 2.78
N LYS B 37 -13.44 0.81 2.70
CA LYS B 37 -14.61 1.26 1.96
C LYS B 37 -15.45 2.26 2.73
N LYS B 38 -15.30 2.33 4.06
CA LYS B 38 -15.96 3.34 4.87
C LYS B 38 -15.27 4.70 4.81
N LEU B 39 -14.12 4.80 4.17
CA LEU B 39 -13.33 6.03 4.18
C LEU B 39 -13.13 6.62 2.78
N GLN B 40 -14.20 6.72 2.00
CA GLN B 40 -14.09 7.15 0.62
C GLN B 40 -15.04 8.31 0.33
N ASN B 41 -15.01 9.32 1.20
CA ASN B 41 -15.70 10.58 0.95
C ASN B 41 -14.66 11.61 0.49
N ALA B 42 -15.09 12.87 0.35
CA ALA B 42 -14.19 13.89 -0.17
C ALA B 42 -13.05 14.18 0.79
N THR B 43 -13.35 14.31 2.09
CA THR B 43 -12.32 14.65 3.06
C THR B 43 -11.24 13.58 3.11
N ASN B 44 -11.60 12.31 2.99
CA ASN B 44 -10.61 11.25 3.04
C ASN B 44 -9.74 11.22 1.79
N TYR B 45 -10.34 11.49 0.61
CA TYR B 45 -9.53 11.62 -0.60
C TYR B 45 -8.53 12.77 -0.46
N PHE B 46 -8.99 13.91 0.05
CA PHE B 46 -8.09 15.04 0.25
C PHE B 46 -6.99 14.70 1.25
N LEU B 47 -7.34 13.98 2.32
CA LEU B 47 -6.33 13.60 3.31
C LEU B 47 -5.34 12.60 2.73
N MET B 48 -5.77 11.75 1.80
CA MET B 48 -4.84 10.83 1.15
C MET B 48 -3.89 11.59 0.22
N SER B 49 -4.41 12.61 -0.48
CA SER B 49 -3.53 13.47 -1.26
C SER B 49 -2.54 14.21 -0.35
N LEU B 50 -3.02 14.68 0.80
CA LEU B 50 -2.14 15.26 1.82
C LEU B 50 -1.07 14.27 2.26
N ALA B 51 -1.45 13.02 2.45
CA ALA B 51 -0.50 12.00 2.88
C ALA B 51 0.53 11.73 1.79
N ILE B 52 0.11 11.77 0.53
CA ILE B 52 1.08 11.60 -0.56
C ILE B 52 2.05 12.78 -0.59
N ALA B 53 1.54 13.99 -0.32
CA ALA B 53 2.42 15.14 -0.23
C ALA B 53 3.44 14.99 0.90
N ASP B 54 2.97 14.57 2.07
CA ASP B 54 3.87 14.39 3.21
C ASP B 54 4.88 13.28 2.95
N MET B 55 4.45 12.19 2.30
CA MET B 55 5.37 11.11 1.98
C MET B 55 6.42 11.55 0.98
N LEU B 56 6.02 12.31 -0.03
CA LEU B 56 6.99 12.84 -0.99
C LEU B 56 7.95 13.81 -0.31
N LEU B 57 7.46 14.59 0.66
CA LEU B 57 8.35 15.47 1.41
C LEU B 57 9.37 14.67 2.22
N GLY B 58 8.92 13.63 2.90
CA GLY B 58 9.80 12.80 3.70
C GLY B 58 10.68 11.85 2.90
N PHE B 59 10.40 11.69 1.62
CA PHE B 59 11.15 10.78 0.75
C PHE B 59 12.09 11.47 -0.21
N LEU B 60 11.77 12.70 -0.63
CA LEU B 60 12.60 13.43 -1.58
C LEU B 60 13.33 14.62 -0.97
N VAL B 61 12.84 15.20 0.12
CA VAL B 61 13.38 16.42 0.68
C VAL B 61 14.09 16.16 2.00
N MET B 62 13.43 15.49 2.95
CA MET B 62 14.03 15.26 4.26
C MET B 62 15.32 14.46 4.21
N PRO B 63 15.46 13.39 3.41
CA PRO B 63 16.78 12.74 3.31
C PRO B 63 17.86 13.64 2.74
N VAL B 64 17.50 14.54 1.80
CA VAL B 64 18.49 15.49 1.29
C VAL B 64 18.89 16.47 2.38
N SER B 65 17.94 16.87 3.24
CA SER B 65 18.29 17.72 4.37
C SER B 65 19.19 16.98 5.35
N MET B 66 18.98 15.67 5.51
CA MET B 66 19.89 14.88 6.34
C MET B 66 21.29 14.84 5.75
N LEU B 67 21.37 14.64 4.43
CA LEU B 67 22.67 14.71 3.76
C LEU B 67 23.33 16.07 3.96
N THR B 68 22.53 17.13 3.94
CA THR B 68 23.07 18.48 4.16
C THR B 68 23.63 18.61 5.57
N ILE B 69 22.87 18.20 6.59
CA ILE B 69 23.37 18.30 7.96
C ILE B 69 24.53 17.34 8.19
N LEU B 70 24.70 16.32 7.35
CA LEU B 70 25.87 15.45 7.45
C LEU B 70 27.11 16.09 6.84
N TYR B 71 26.95 16.93 5.83
CA TYR B 71 28.07 17.61 5.18
C TYR B 71 28.37 18.98 5.80
N GLY B 72 28.02 19.18 7.07
CA GLY B 72 28.25 20.46 7.71
C GLY B 72 27.48 21.61 7.09
N TYR B 73 26.27 21.34 6.60
CA TYR B 73 25.41 22.33 5.95
C TYR B 73 26.03 22.90 4.69
N ARG B 74 27.00 22.19 4.12
CA ARG B 74 27.59 22.53 2.83
C ARG B 74 26.93 21.69 1.75
N TRP B 75 26.48 22.33 0.68
CA TRP B 75 25.80 21.62 -0.38
C TRP B 75 26.78 20.76 -1.16
N PRO B 76 26.69 19.43 -1.08
CA PRO B 76 27.64 18.57 -1.79
C PRO B 76 27.21 18.20 -3.21
N LEU B 77 25.96 18.47 -3.57
CA LEU B 77 25.37 18.05 -4.83
C LEU B 77 25.54 19.14 -5.87
N PRO B 78 25.16 18.89 -7.13
CA PRO B 78 25.23 19.94 -8.15
C PRO B 78 24.45 21.19 -7.78
N SER B 79 24.78 22.29 -8.46
CA SER B 79 24.25 23.60 -8.07
C SER B 79 22.78 23.74 -8.44
N LYS B 80 22.37 23.29 -9.63
CA LYS B 80 20.98 23.42 -10.04
C LYS B 80 20.06 22.59 -9.16
N LEU B 81 20.54 21.44 -8.71
CA LEU B 81 19.74 20.58 -7.84
C LEU B 81 19.39 21.27 -6.53
N CYS B 82 20.14 22.30 -6.13
CA CYS B 82 19.76 23.09 -4.97
C CYS B 82 18.43 23.78 -5.19
N ALA B 83 18.30 24.47 -6.34
CA ALA B 83 17.02 25.09 -6.68
C ALA B 83 15.93 24.05 -6.82
N VAL B 84 16.26 22.90 -7.43
CA VAL B 84 15.26 21.84 -7.58
C VAL B 84 14.77 21.35 -6.21
N TRP B 85 15.68 21.20 -5.26
CA TRP B 85 15.34 20.67 -3.95
C TRP B 85 14.53 21.68 -3.14
N ILE B 86 14.92 22.95 -3.19
CA ILE B 86 14.11 23.98 -2.52
C ILE B 86 12.72 24.04 -3.15
N TYR B 87 12.66 23.85 -4.48
CA TYR B 87 11.37 23.83 -5.17
C TYR B 87 10.50 22.69 -4.65
N LEU B 88 11.08 21.49 -4.52
CA LEU B 88 10.30 20.36 -4.02
C LEU B 88 9.83 20.58 -2.58
N ASP B 89 10.71 21.13 -1.74
CA ASP B 89 10.33 21.41 -0.36
C ASP B 89 9.15 22.36 -0.30
N VAL B 90 9.28 23.53 -0.94
CA VAL B 90 8.21 24.52 -0.93
C VAL B 90 6.95 23.94 -1.57
N LEU B 91 7.10 23.15 -2.63
CA LEU B 91 5.96 22.56 -3.31
C LEU B 91 5.17 21.66 -2.36
N PHE B 92 5.85 20.73 -1.70
CA PHE B 92 5.13 19.78 -0.86
C PHE B 92 4.51 20.48 0.36
N SER B 93 5.23 21.42 0.97
CA SER B 93 4.66 22.09 2.15
C SER B 93 3.48 22.99 1.77
N THR B 94 3.61 23.73 0.66
CA THR B 94 2.51 24.55 0.19
C THR B 94 1.31 23.71 -0.20
N ALA B 95 1.55 22.56 -0.85
CA ALA B 95 0.47 21.65 -1.18
C ALA B 95 -0.22 21.16 0.08
N LYS B 96 0.55 20.90 1.14
CA LYS B 96 -0.04 20.45 2.40
C LYS B 96 -0.98 21.52 2.98
N ILE B 97 -0.47 22.75 3.10
CA ILE B 97 -1.27 23.79 3.75
C ILE B 97 -2.49 24.14 2.89
N TRP B 98 -2.35 24.12 1.57
CA TRP B 98 -3.49 24.44 0.73
C TRP B 98 -4.47 23.28 0.63
N HIS B 99 -4.02 22.05 0.82
CA HIS B 99 -4.94 20.94 1.00
C HIS B 99 -5.79 21.13 2.24
N LEU B 100 -5.15 21.50 3.35
CA LEU B 100 -5.91 21.77 4.58
C LEU B 100 -6.91 22.91 4.36
N CYS B 101 -6.48 23.98 3.71
CA CYS B 101 -7.36 25.11 3.44
C CYS B 101 -8.55 24.71 2.57
N ALA B 102 -8.28 23.93 1.51
CA ALA B 102 -9.36 23.48 0.63
C ALA B 102 -10.33 22.56 1.36
N ILE B 103 -9.81 21.71 2.25
CA ILE B 103 -10.69 20.85 3.04
C ILE B 103 -11.64 21.69 3.89
N SER B 104 -11.09 22.67 4.62
CA SER B 104 -11.92 23.53 5.45
C SER B 104 -12.98 24.24 4.61
N LEU B 105 -12.54 24.88 3.52
CA LEU B 105 -13.47 25.64 2.68
C LEU B 105 -14.55 24.74 2.09
N ASP B 106 -14.17 23.54 1.65
CA ASP B 106 -15.12 22.62 1.06
C ASP B 106 -16.15 22.16 2.08
N ARG B 107 -15.70 21.87 3.31
CA ARG B 107 -16.66 21.45 4.34
C ARG B 107 -17.64 22.56 4.68
N TYR B 108 -17.15 23.80 4.74
CA TYR B 108 -18.06 24.92 5.01
C TYR B 108 -19.09 25.08 3.90
N VAL B 109 -18.62 25.16 2.65
CA VAL B 109 -19.52 25.27 1.51
C VAL B 109 -20.50 24.11 1.46
N ALA B 110 -20.03 22.91 1.85
CA ALA B 110 -20.90 21.74 1.87
C ALA B 110 -22.03 21.89 2.87
N ILE B 111 -21.70 22.20 4.12
CA ILE B 111 -22.78 22.31 5.11
C ILE B 111 -23.68 23.51 4.85
N GLN B 112 -23.22 24.52 4.11
CA GLN B 112 -24.15 25.60 3.76
C GLN B 112 -25.03 25.23 2.57
N ASN B 113 -24.42 24.80 1.47
CA ASN B 113 -25.16 24.52 0.23
C ASN B 113 -25.84 23.16 0.32
N PRO B 114 -27.15 23.07 0.03
CA PRO B 114 -27.79 21.75 -0.07
C PRO B 114 -27.24 20.91 -1.21
N SER B 122 -19.19 13.54 -5.11
CA SER B 122 -18.75 12.71 -6.23
C SER B 122 -17.24 12.53 -6.25
N ARG B 123 -16.81 11.31 -6.56
CA ARG B 123 -15.39 11.00 -6.67
C ARG B 123 -14.72 11.90 -7.69
N THR B 124 -15.36 12.10 -8.84
CA THR B 124 -14.78 12.95 -9.87
C THR B 124 -14.67 14.40 -9.37
N LYS B 125 -15.66 14.85 -8.59
CA LYS B 125 -15.59 16.19 -8.01
C LYS B 125 -14.37 16.32 -7.12
N ALA B 126 -14.18 15.33 -6.25
CA ALA B 126 -13.03 15.37 -5.35
C ALA B 126 -11.72 15.35 -6.13
N PHE B 127 -11.66 14.55 -7.19
CA PHE B 127 -10.44 14.50 -8.00
C PHE B 127 -10.15 15.85 -8.66
N LEU B 128 -11.18 16.50 -9.20
CA LEU B 128 -10.96 17.80 -9.83
C LEU B 128 -10.50 18.84 -8.81
N LYS B 129 -11.11 18.84 -7.62
CA LYS B 129 -10.70 19.77 -6.59
C LYS B 129 -9.26 19.53 -6.15
N ILE B 130 -8.88 18.26 -5.97
CA ILE B 130 -7.51 17.93 -5.57
C ILE B 130 -6.52 18.37 -6.63
N ILE B 131 -6.85 18.15 -7.90
CA ILE B 131 -5.95 18.56 -8.98
C ILE B 131 -5.82 20.08 -9.01
N ALA B 132 -6.92 20.79 -8.73
CA ALA B 132 -6.84 22.25 -8.65
C ALA B 132 -5.88 22.68 -7.54
N VAL B 133 -5.93 21.99 -6.39
CA VAL B 133 -5.04 22.34 -5.29
C VAL B 133 -3.58 22.05 -5.65
N TRP B 134 -3.33 20.89 -6.28
CA TRP B 134 -1.97 20.56 -6.70
C TRP B 134 -1.43 21.57 -7.72
N THR B 135 -2.28 22.01 -8.65
CA THR B 135 -1.86 23.00 -9.64
C THR B 135 -1.57 24.34 -8.97
N ILE B 136 -2.38 24.74 -7.99
CA ILE B 136 -2.10 25.96 -7.24
C ILE B 136 -0.74 25.86 -6.55
N SER B 137 -0.46 24.70 -5.95
CA SER B 137 0.81 24.53 -5.26
C SER B 137 2.00 24.62 -6.23
N VAL B 138 1.89 23.94 -7.37
CA VAL B 138 2.96 23.98 -8.37
C VAL B 138 3.16 25.41 -8.87
N GLY B 139 2.06 26.13 -9.10
CA GLY B 139 2.18 27.50 -9.56
C GLY B 139 2.83 28.42 -8.53
N ILE B 140 2.50 28.23 -7.26
CA ILE B 140 3.15 29.02 -6.22
C ILE B 140 4.63 28.69 -6.14
N SER B 141 5.01 27.43 -6.37
CA SER B 141 6.40 27.02 -6.30
C SER B 141 7.16 27.24 -7.60
N MET B 142 6.46 27.58 -8.69
CA MET B 142 7.12 27.76 -9.97
C MET B 142 8.19 28.85 -10.00
N PRO B 143 8.09 29.96 -9.25
CA PRO B 143 9.18 30.96 -9.27
C PRO B 143 10.57 30.41 -8.93
N ILE B 144 10.65 29.29 -8.21
CA ILE B 144 11.93 28.76 -7.76
C ILE B 144 12.75 28.16 -8.90
N PRO B 145 12.19 27.30 -9.77
CA PRO B 145 13.02 26.81 -10.89
C PRO B 145 13.45 27.88 -11.88
N VAL B 146 12.60 28.84 -12.22
CA VAL B 146 12.95 29.85 -13.20
C VAL B 146 14.09 30.73 -12.69
N PHE B 147 13.84 31.46 -11.60
CA PHE B 147 14.81 32.40 -11.08
C PHE B 147 15.95 31.73 -10.33
N GLY B 148 15.72 30.52 -9.82
CA GLY B 148 16.79 29.81 -9.13
C GLY B 148 17.83 29.26 -10.10
N LEU B 149 17.37 28.73 -11.24
CA LEU B 149 18.29 28.23 -12.25
C LEU B 149 18.91 29.36 -13.06
N GLN B 150 18.17 30.44 -13.33
CA GLN B 150 18.78 31.57 -14.03
C GLN B 150 19.86 32.23 -13.20
N ASP B 151 19.68 32.32 -11.88
CA ASP B 151 20.58 33.05 -11.00
C ASP B 151 21.00 32.15 -9.85
N ASP B 152 22.30 31.88 -9.75
CA ASP B 152 22.81 31.02 -8.68
C ASP B 152 22.71 31.66 -7.30
N SER B 153 22.60 32.98 -7.24
CA SER B 153 22.63 33.66 -5.94
C SER B 153 21.31 33.58 -5.21
N LYS B 154 20.20 33.42 -5.93
CA LYS B 154 18.88 33.41 -5.32
C LYS B 154 18.58 32.12 -4.56
N VAL B 155 19.40 31.08 -4.73
CA VAL B 155 19.21 29.82 -4.03
C VAL B 155 20.42 29.43 -3.18
N PHE B 156 21.48 30.22 -3.17
CA PHE B 156 22.68 29.91 -2.40
C PHE B 156 23.01 31.05 -1.43
N LYS B 157 23.50 30.66 -0.25
CA LYS B 157 23.87 31.62 0.81
C LYS B 157 25.18 31.14 1.42
N GLU B 158 26.30 31.60 0.86
CA GLU B 158 27.64 31.26 1.34
C GLU B 158 27.86 29.74 1.35
N GLY B 159 27.61 29.10 0.20
CA GLY B 159 27.82 27.68 0.03
C GLY B 159 26.66 26.81 0.47
N SER B 160 25.86 27.27 1.43
CA SER B 160 24.71 26.50 1.88
C SER B 160 23.52 26.75 0.96
N CYS B 161 22.73 25.69 0.75
CA CYS B 161 21.57 25.74 -0.15
C CYS B 161 20.37 26.25 0.64
N LEU B 162 20.18 27.57 0.63
CA LEU B 162 19.08 28.22 1.33
C LEU B 162 18.41 29.23 0.41
N LEU B 163 17.13 29.46 0.62
CA LEU B 163 16.41 30.51 -0.11
C LEU B 163 16.89 31.86 0.39
N ALA B 164 17.84 32.45 -0.34
CA ALA B 164 18.52 33.66 0.11
C ALA B 164 17.90 34.94 -0.43
N ASP B 165 17.02 34.85 -1.42
CA ASP B 165 16.41 36.05 -1.99
C ASP B 165 15.38 36.61 -1.00
N ASP B 166 15.53 37.89 -0.66
CA ASP B 166 14.70 38.48 0.39
C ASP B 166 13.23 38.58 -0.02
N ASN B 167 12.96 38.99 -1.26
CA ASN B 167 11.57 39.10 -1.71
C ASN B 167 10.88 37.74 -1.73
N PHE B 168 11.59 36.70 -2.18
CA PHE B 168 11.01 35.36 -2.24
C PHE B 168 10.58 34.88 -0.85
N VAL B 169 11.39 35.12 0.17
CA VAL B 169 11.07 34.62 1.51
C VAL B 169 9.73 35.19 1.99
N LEU B 170 9.58 36.51 1.90
CA LEU B 170 8.38 37.15 2.43
C LEU B 170 7.15 36.85 1.57
N ILE B 171 7.30 36.94 0.24
CA ILE B 171 6.17 36.65 -0.63
C ILE B 171 5.74 35.19 -0.50
N GLY B 172 6.69 34.28 -0.25
CA GLY B 172 6.32 32.90 -0.03
C GLY B 172 5.69 32.67 1.32
N SER B 173 6.14 33.41 2.34
CA SER B 173 5.46 33.36 3.63
C SER B 173 4.02 33.79 3.50
N PHE B 174 3.75 34.81 2.68
CA PHE B 174 2.38 35.29 2.53
C PHE B 174 1.54 34.34 1.67
N VAL B 175 1.99 34.04 0.45
CA VAL B 175 1.17 33.28 -0.48
C VAL B 175 1.09 31.80 -0.08
N SER B 176 2.20 31.26 0.44
CA SER B 176 2.27 29.84 0.75
C SER B 176 1.92 29.52 2.19
N PHE B 177 1.99 30.49 3.10
CA PHE B 177 1.67 30.23 4.50
C PHE B 177 0.55 31.12 5.04
N PHE B 178 0.64 32.44 4.85
CA PHE B 178 -0.26 33.34 5.57
C PHE B 178 -1.68 33.33 5.00
N ILE B 179 -1.81 33.42 3.67
CA ILE B 179 -3.16 33.44 3.07
C ILE B 179 -3.94 32.16 3.38
N PRO B 180 -3.41 30.96 3.13
CA PRO B 180 -4.18 29.76 3.51
C PRO B 180 -4.39 29.65 5.01
N LEU B 181 -3.47 30.14 5.83
CA LEU B 181 -3.65 30.13 7.27
C LEU B 181 -4.87 30.96 7.68
N THR B 182 -4.95 32.20 7.17
CA THR B 182 -6.08 33.07 7.51
C THR B 182 -7.39 32.50 6.97
N ILE B 183 -7.38 32.00 5.74
CA ILE B 183 -8.59 31.40 5.19
C ILE B 183 -9.03 30.21 6.03
N MET B 184 -8.08 29.38 6.46
CA MET B 184 -8.40 28.23 7.30
C MET B 184 -9.05 28.67 8.60
N VAL B 185 -8.46 29.67 9.27
CA VAL B 185 -9.01 30.13 10.54
C VAL B 185 -10.44 30.64 10.36
N ILE B 186 -10.63 31.53 9.37
CA ILE B 186 -11.95 32.11 9.13
C ILE B 186 -12.97 31.00 8.84
N THR B 187 -12.63 30.10 7.93
CA THR B 187 -13.58 29.07 7.52
C THR B 187 -13.89 28.10 8.66
N TYR B 188 -12.87 27.75 9.46
CA TYR B 188 -13.09 26.82 10.56
C TYR B 188 -14.02 27.43 11.61
N PHE B 189 -13.79 28.69 11.98
CA PHE B 189 -14.65 29.30 13.00
C PHE B 189 -16.07 29.52 12.47
N LEU B 190 -16.21 29.93 11.21
CA LEU B 190 -17.55 30.04 10.64
C LEU B 190 -18.24 28.69 10.58
N THR B 191 -17.50 27.62 10.33
CA THR B 191 -18.10 26.29 10.29
C THR B 191 -18.57 25.84 11.66
N ILE B 192 -17.76 26.07 12.70
CA ILE B 192 -18.18 25.67 14.04
C ILE B 192 -19.41 26.47 14.48
N LYS B 193 -19.46 27.76 14.10
CA LYS B 193 -20.63 28.55 14.44
C LYS B 193 -21.87 28.07 13.70
N SER B 194 -21.71 27.70 12.42
CA SER B 194 -22.84 27.18 11.65
C SER B 194 -23.34 25.86 12.22
N LEU B 195 -22.42 25.02 12.69
CA LEU B 195 -22.83 23.76 13.29
C LEU B 195 -23.57 23.97 14.61
N GLN B 196 -23.12 24.96 15.41
CA GLN B 196 -23.88 25.30 16.60
C GLN B 196 -25.28 25.79 16.25
N LYS B 197 -25.40 26.62 15.20
CA LYS B 197 -26.72 27.06 14.75
C LYS B 197 -27.59 25.88 14.34
N GLU B 198 -27.03 24.93 13.59
CA GLU B 198 -27.77 23.74 13.18
C GLU B 198 -28.28 22.98 14.38
N ALA B 199 -27.41 22.73 15.36
CA ALA B 199 -27.81 21.97 16.53
C ALA B 199 -28.89 22.69 17.32
N ALA B 200 -28.78 24.01 17.45
CA ALA B 200 -29.79 24.78 18.16
C ALA B 200 -31.15 24.69 17.46
N ASP B 201 -31.16 24.85 16.14
CA ASP B 201 -32.42 24.79 15.39
C ASP B 201 -33.05 23.40 15.50
N LEU B 202 -32.23 22.36 15.41
CA LEU B 202 -32.76 21.00 15.53
C LEU B 202 -33.34 20.77 16.92
N GLU B 203 -32.64 21.22 17.97
CA GLU B 203 -33.15 21.06 19.32
C GLU B 203 -34.47 21.80 19.52
N ASP B 204 -34.59 23.00 18.93
CA ASP B 204 -35.84 23.74 19.02
C ASP B 204 -36.97 22.98 18.33
N ASN B 205 -36.70 22.43 17.14
CA ASN B 205 -37.75 21.67 16.44
C ASN B 205 -38.17 20.44 17.24
N TRP B 206 -37.21 19.74 17.85
CA TRP B 206 -37.55 18.57 18.65
C TRP B 206 -38.39 18.95 19.87
N GLU B 207 -38.00 20.02 20.56
CA GLU B 207 -38.79 20.46 21.71
C GLU B 207 -40.20 20.87 21.30
N THR B 208 -40.33 21.53 20.16
CA THR B 208 -41.66 21.90 19.66
C THR B 208 -42.50 20.67 19.37
N LEU B 209 -41.91 19.67 18.71
CA LEU B 209 -42.64 18.45 18.39
C LEU B 209 -43.11 17.74 19.65
N ASN B 210 -42.24 17.63 20.65
CA ASN B 210 -42.62 16.94 21.89
C ASN B 210 -43.71 17.71 22.64
N ASP B 211 -43.54 19.05 22.74
CA ASP B 211 -44.54 19.88 23.39
C ASP B 211 -45.91 19.71 22.76
N ASN B 212 -45.97 19.73 21.43
CA ASN B 212 -47.27 19.64 20.78
C ASN B 212 -47.83 18.22 20.77
N LEU B 213 -46.96 17.20 20.80
CA LEU B 213 -47.46 15.85 21.02
C LEU B 213 -48.17 15.74 22.36
N LYS B 214 -47.58 16.34 23.40
CA LYS B 214 -48.22 16.30 24.71
C LYS B 214 -49.49 17.15 24.73
N VAL B 215 -49.48 18.29 24.02
CA VAL B 215 -50.70 19.10 23.87
C VAL B 215 -51.82 18.27 23.26
N ILE B 216 -51.50 17.50 22.21
CA ILE B 216 -52.49 16.66 21.56
C ILE B 216 -52.98 15.58 22.53
N GLU B 217 -52.06 14.98 23.29
CA GLU B 217 -52.44 13.91 24.21
C GLU B 217 -53.47 14.38 25.25
N LYS B 218 -53.37 15.64 25.68
CA LYS B 218 -54.27 16.19 26.69
C LYS B 218 -55.24 17.21 26.09
N ALA B 219 -55.52 17.11 24.80
CA ALA B 219 -56.37 18.07 24.11
C ALA B 219 -57.83 17.81 24.43
N ASP B 220 -58.65 18.83 24.14
CA ASP B 220 -60.08 18.78 24.44
C ASP B 220 -60.94 18.71 23.18
N ASN B 221 -60.69 19.58 22.20
CA ASN B 221 -61.46 19.63 20.97
C ASN B 221 -60.53 19.45 19.78
N ALA B 222 -61.13 19.35 18.59
CA ALA B 222 -60.36 19.10 17.38
C ALA B 222 -59.59 20.34 16.94
N ALA B 223 -60.06 21.53 17.30
CA ALA B 223 -59.40 22.76 16.87
C ALA B 223 -57.98 22.85 17.41
N GLN B 224 -57.81 22.67 18.73
CA GLN B 224 -56.47 22.74 19.29
C GLN B 224 -55.62 21.55 18.87
N VAL B 225 -56.24 20.40 18.58
CA VAL B 225 -55.52 19.30 17.96
C VAL B 225 -54.90 19.75 16.64
N LYS B 226 -55.71 20.41 15.80
CA LYS B 226 -55.21 20.91 14.53
C LYS B 226 -54.11 21.96 14.74
N ASP B 227 -54.25 22.79 15.76
CA ASP B 227 -53.25 23.83 16.01
C ASP B 227 -51.91 23.20 16.40
N ALA B 228 -51.95 22.25 17.33
CA ALA B 228 -50.73 21.55 17.75
C ALA B 228 -50.12 20.78 16.59
N LEU B 229 -50.95 20.15 15.76
CA LEU B 229 -50.45 19.43 14.60
C LEU B 229 -49.84 20.40 13.57
N THR B 230 -50.37 21.61 13.47
CA THR B 230 -49.78 22.61 12.58
C THR B 230 -48.40 23.02 13.06
N LYS B 231 -48.27 23.30 14.36
CA LYS B 231 -46.95 23.61 14.90
C LYS B 231 -45.98 22.45 14.72
N MET B 232 -46.46 21.22 14.94
CA MET B 232 -45.62 20.05 14.70
C MET B 232 -45.19 19.94 13.25
N ARG B 233 -46.11 20.21 12.31
CA ARG B 233 -45.77 20.14 10.89
C ARG B 233 -44.72 21.19 10.55
N ALA B 234 -44.85 22.39 11.11
CA ALA B 234 -43.83 23.42 10.90
C ALA B 234 -42.48 22.96 11.41
N ALA B 235 -42.45 22.41 12.63
CA ALA B 235 -41.20 21.94 13.21
C ALA B 235 -40.56 20.84 12.34
N ALA B 236 -41.36 19.87 11.91
CA ALA B 236 -40.84 18.76 11.12
C ALA B 236 -40.38 19.23 9.75
N LEU B 237 -41.12 20.16 9.15
CA LEU B 237 -40.75 20.71 7.84
C LEU B 237 -39.44 21.48 7.92
N ASP B 238 -39.23 22.22 9.02
CA ASP B 238 -38.01 23.01 9.14
C ASP B 238 -36.77 22.12 9.13
N ALA B 239 -36.83 20.96 9.78
CA ALA B 239 -35.67 20.09 9.85
C ALA B 239 -35.37 19.42 8.53
N GLY B 240 -36.39 19.23 7.69
CA GLY B 240 -36.21 18.57 6.41
C GLY B 240 -35.48 19.41 5.38
N GLY B 244 -38.85 14.28 8.02
CA GLY B 244 -38.50 14.94 6.78
C GLY B 244 -39.54 14.79 5.70
N ASP B 245 -39.79 13.55 5.29
CA ASP B 245 -40.76 13.30 4.24
C ASP B 245 -41.80 12.26 4.63
N ILE B 246 -41.39 11.18 5.30
CA ILE B 246 -42.40 10.24 5.81
C ILE B 246 -43.07 10.84 7.04
N LEU B 247 -42.32 11.63 7.81
CA LEU B 247 -42.85 12.23 9.02
C LEU B 247 -43.93 13.25 8.68
N VAL B 248 -43.66 14.11 7.70
CA VAL B 248 -44.66 15.08 7.25
C VAL B 248 -45.88 14.38 6.68
N GLY B 249 -45.69 13.24 6.02
CA GLY B 249 -46.84 12.49 5.54
C GLY B 249 -47.73 11.98 6.66
N GLN B 250 -47.11 11.43 7.72
CA GLN B 250 -47.88 10.97 8.86
C GLN B 250 -48.56 12.14 9.58
N ILE B 251 -47.86 13.28 9.67
CA ILE B 251 -48.46 14.47 10.27
C ILE B 251 -49.64 14.94 9.44
N ASP B 252 -49.54 14.81 8.11
CA ASP B 252 -50.65 15.21 7.26
C ASP B 252 -51.84 14.26 7.42
N ASP B 253 -51.56 12.97 7.63
CA ASP B 253 -52.64 12.03 7.93
C ASP B 253 -53.35 12.41 9.23
N ALA B 254 -52.58 12.67 10.28
CA ALA B 254 -53.16 13.11 11.55
C ALA B 254 -53.94 14.41 11.38
N LEU B 255 -53.43 15.32 10.56
CA LEU B 255 -54.08 16.62 10.37
C LEU B 255 -55.40 16.46 9.60
N LYS B 256 -55.44 15.56 8.64
CA LYS B 256 -56.70 15.26 7.94
C LYS B 256 -57.71 14.64 8.89
N LEU B 257 -57.27 13.66 9.69
CA LEU B 257 -58.15 13.07 10.69
C LEU B 257 -58.70 14.14 11.64
N ALA B 258 -57.85 15.10 12.03
CA ALA B 258 -58.31 16.18 12.90
C ALA B 258 -59.31 17.08 12.19
N ASN B 259 -59.05 17.40 10.92
CA ASN B 259 -59.95 18.27 10.17
C ASN B 259 -61.33 17.62 9.99
N GLU B 260 -61.37 16.29 9.84
CA GLU B 260 -62.67 15.62 9.77
C GLU B 260 -63.39 15.60 11.11
N GLY B 261 -62.72 15.94 12.21
CA GLY B 261 -63.33 15.96 13.51
C GLY B 261 -63.06 14.73 14.38
N LYS B 262 -62.39 13.72 13.84
CA LYS B 262 -62.12 12.48 14.57
C LYS B 262 -60.92 12.71 15.48
N VAL B 263 -61.18 12.89 16.77
CA VAL B 263 -60.13 13.30 17.71
C VAL B 263 -59.35 12.08 18.21
N LYS B 264 -60.04 11.01 18.60
CA LYS B 264 -59.38 9.83 19.14
C LYS B 264 -58.42 9.22 18.13
N GLU B 265 -58.88 9.09 16.89
CA GLU B 265 -58.03 8.52 15.83
C GLU B 265 -56.82 9.40 15.58
N ALA B 266 -57.01 10.73 15.64
CA ALA B 266 -55.90 11.65 15.48
C ALA B 266 -54.88 11.49 16.61
N GLN B 267 -55.36 11.25 17.83
CA GLN B 267 -54.44 11.06 18.96
C GLN B 267 -53.63 9.77 18.80
N ALA B 268 -54.27 8.69 18.34
CA ALA B 268 -53.52 7.48 18.05
C ALA B 268 -52.46 7.73 16.97
N ALA B 269 -52.84 8.47 15.92
CA ALA B 269 -51.88 8.86 14.90
C ALA B 269 -50.73 9.65 15.52
N ALA B 270 -51.03 10.51 16.49
CA ALA B 270 -49.98 11.27 17.16
C ALA B 270 -49.02 10.38 17.93
N GLU B 271 -49.53 9.30 18.52
CA GLU B 271 -48.63 8.35 19.19
C GLU B 271 -47.66 7.71 18.17
N GLN B 272 -48.21 7.28 17.03
CA GLN B 272 -47.35 6.74 15.98
C GLN B 272 -46.33 7.80 15.55
N LEU B 273 -46.79 9.05 15.44
CA LEU B 273 -45.91 10.16 15.13
C LEU B 273 -44.80 10.30 16.16
N LYS B 274 -45.11 10.02 17.43
CA LYS B 274 -44.10 10.09 18.48
C LYS B 274 -42.96 9.12 18.18
N THR B 275 -43.32 7.88 17.86
CA THR B 275 -42.27 6.90 17.52
C THR B 275 -41.43 7.37 16.32
N THR B 276 -42.11 7.77 15.24
CA THR B 276 -41.39 8.20 14.04
C THR B 276 -40.48 9.40 14.34
N ILE B 277 -40.95 10.32 15.19
CA ILE B 277 -40.20 11.53 15.50
C ILE B 277 -38.95 11.19 16.28
N ASN B 278 -39.07 10.31 17.28
CA ASN B 278 -37.89 9.88 18.02
C ASN B 278 -36.84 9.33 17.07
N ALA B 279 -37.25 8.45 16.15
CA ALA B 279 -36.28 7.86 15.22
C ALA B 279 -35.59 8.93 14.37
N TYR B 280 -36.38 9.79 13.71
CA TYR B 280 -35.78 10.76 12.78
C TYR B 280 -34.92 11.78 13.51
N ILE B 281 -35.37 12.23 14.69
CA ILE B 281 -34.61 13.21 15.47
C ILE B 281 -33.27 12.63 15.88
N GLN B 282 -33.25 11.38 16.37
CA GLN B 282 -31.97 10.80 16.74
C GLN B 282 -31.04 10.69 15.54
N LYS B 283 -31.58 10.29 14.38
CA LYS B 283 -30.72 10.17 13.21
C LYS B 283 -30.09 11.51 12.83
N TYR B 284 -30.89 12.57 12.76
CA TYR B 284 -30.35 13.86 12.36
C TYR B 284 -29.37 14.42 13.41
N GLY B 285 -29.70 14.27 14.69
CA GLY B 285 -28.79 14.72 15.73
C GLY B 285 -27.46 13.99 15.70
N GLN B 286 -27.49 12.68 15.42
CA GLN B 286 -26.25 11.95 15.29
C GLN B 286 -25.44 12.43 14.10
N SER B 287 -26.11 12.77 12.99
CA SER B 287 -25.39 13.33 11.85
C SER B 287 -24.69 14.63 12.22
N ILE B 288 -25.39 15.51 12.93
CA ILE B 288 -24.78 16.78 13.34
C ILE B 288 -23.61 16.55 14.28
N SER B 289 -23.77 15.60 15.22
CA SER B 289 -22.68 15.31 16.16
C SER B 289 -21.46 14.72 15.44
N ASN B 290 -21.69 13.91 14.41
CA ASN B 290 -20.57 13.36 13.66
C ASN B 290 -19.85 14.46 12.89
N GLU B 291 -20.59 15.40 12.30
CA GLU B 291 -19.95 16.53 11.64
C GLU B 291 -19.14 17.35 12.63
N GLN B 292 -19.66 17.53 13.85
CA GLN B 292 -18.92 18.25 14.88
C GLN B 292 -17.64 17.53 15.27
N LYS B 293 -17.70 16.20 15.39
CA LYS B 293 -16.51 15.42 15.75
C LYS B 293 -15.46 15.50 14.65
N ALA B 294 -15.86 15.39 13.39
CA ALA B 294 -14.91 15.52 12.29
C ALA B 294 -14.31 16.92 12.27
N CYS B 295 -15.13 17.94 12.53
CA CYS B 295 -14.64 19.31 12.63
C CYS B 295 -13.55 19.43 13.69
N LYS B 296 -13.79 18.83 14.87
CA LYS B 296 -12.82 18.95 15.95
C LYS B 296 -11.52 18.22 15.63
N VAL B 297 -11.62 17.05 14.98
CA VAL B 297 -10.41 16.31 14.62
C VAL B 297 -9.59 17.09 13.59
N LEU B 298 -10.26 17.61 12.55
CA LEU B 298 -9.55 18.39 11.55
C LEU B 298 -9.00 19.69 12.14
N GLY B 299 -9.67 20.24 13.15
CA GLY B 299 -9.12 21.39 13.85
C GLY B 299 -7.86 21.05 14.62
N ILE B 300 -7.81 19.86 15.23
CA ILE B 300 -6.59 19.39 15.87
C ILE B 300 -5.47 19.29 14.84
N VAL B 301 -5.78 18.74 13.66
CA VAL B 301 -4.78 18.64 12.60
C VAL B 301 -4.25 20.02 12.20
N PHE B 302 -5.17 20.96 11.94
CA PHE B 302 -4.77 22.32 11.56
C PHE B 302 -3.89 22.95 12.64
N PHE B 303 -4.32 22.82 13.90
CA PHE B 303 -3.57 23.42 15.01
C PHE B 303 -2.16 22.86 15.09
N LEU B 304 -2.03 21.53 15.02
CA LEU B 304 -0.72 20.92 15.09
C LEU B 304 0.17 21.39 13.94
N PHE B 305 -0.36 21.40 12.72
CA PHE B 305 0.43 21.83 11.57
C PHE B 305 0.92 23.28 11.75
N VAL B 306 -0.01 24.19 12.08
CA VAL B 306 0.36 25.59 12.16
C VAL B 306 1.32 25.83 13.33
N VAL B 307 1.05 25.22 14.48
CA VAL B 307 1.89 25.43 15.66
C VAL B 307 3.28 24.87 15.43
N MET B 308 3.40 23.74 14.70
CA MET B 308 4.72 23.17 14.47
C MET B 308 5.50 23.93 13.41
N TRP B 309 4.83 24.50 12.40
CA TRP B 309 5.58 25.26 11.39
C TRP B 309 5.74 26.73 11.73
N CYS B 310 5.06 27.23 12.77
CA CYS B 310 5.17 28.65 13.12
C CYS B 310 6.54 29.05 13.64
N PRO B 311 7.20 28.26 14.49
CA PRO B 311 8.56 28.66 14.91
C PRO B 311 9.51 28.88 13.74
N PHE B 312 9.45 28.03 12.71
CA PHE B 312 10.34 28.20 11.57
C PHE B 312 10.09 29.53 10.87
N PHE B 313 8.84 29.85 10.56
CA PHE B 313 8.55 31.10 9.87
C PHE B 313 8.88 32.30 10.75
N ILE B 314 8.56 32.23 12.04
CA ILE B 314 8.92 33.30 12.97
C ILE B 314 10.41 33.57 12.92
N THR B 315 11.22 32.54 13.17
CA THR B 315 12.66 32.72 13.22
C THR B 315 13.25 33.09 11.86
N ASN B 316 12.66 32.59 10.76
CA ASN B 316 13.20 32.90 9.45
C ASN B 316 12.95 34.36 9.08
N ILE B 317 11.70 34.82 9.23
CA ILE B 317 11.40 36.23 8.99
C ILE B 317 12.20 37.11 9.96
N MET B 318 12.41 36.63 11.18
CA MET B 318 13.21 37.38 12.15
C MET B 318 14.66 37.51 11.70
N ALA B 319 15.25 36.42 11.21
CA ALA B 319 16.62 36.48 10.72
C ALA B 319 16.71 37.33 9.46
N VAL B 320 15.61 37.46 8.72
CA VAL B 320 15.59 38.40 7.60
C VAL B 320 15.48 39.84 8.10
N ILE B 321 14.76 40.08 9.20
CA ILE B 321 14.54 41.43 9.68
C ILE B 321 15.83 42.03 10.23
N CYS B 322 16.38 41.41 11.28
CA CYS B 322 17.64 41.85 11.86
C CYS B 322 18.74 40.96 11.31
N LYS B 323 19.53 41.51 10.38
CA LYS B 323 20.68 40.77 9.86
C LYS B 323 21.90 40.91 10.78
N GLU B 324 21.98 42.01 11.51
CA GLU B 324 23.08 42.26 12.43
C GLU B 324 22.65 42.70 13.82
N SER B 325 21.40 43.14 14.00
CA SER B 325 20.93 43.55 15.33
C SER B 325 20.84 42.36 16.27
N CYS B 326 20.25 41.26 15.81
CA CYS B 326 20.08 40.07 16.63
C CYS B 326 21.21 39.08 16.38
N ASN B 327 21.47 38.24 17.39
CA ASN B 327 22.54 37.25 17.30
C ASN B 327 22.15 36.14 16.34
N GLU B 328 23.04 35.82 15.40
CA GLU B 328 22.72 34.89 14.31
C GLU B 328 23.25 33.48 14.53
N ASP B 329 24.14 33.25 15.50
CA ASP B 329 24.58 31.89 15.79
C ASP B 329 23.46 31.09 16.47
N VAL B 330 22.91 31.65 17.56
CA VAL B 330 21.74 31.05 18.19
C VAL B 330 20.59 31.01 17.20
N ILE B 331 20.51 31.99 16.29
CA ILE B 331 19.45 31.98 15.28
C ILE B 331 19.61 30.81 14.33
N GLY B 332 20.85 30.49 13.94
CA GLY B 332 21.07 29.32 13.09
C GLY B 332 20.72 28.02 13.80
N ALA B 333 21.09 27.92 15.07
CA ALA B 333 20.67 26.74 15.85
C ALA B 333 19.15 26.63 15.92
N LEU B 334 18.48 27.76 16.18
CA LEU B 334 17.03 27.78 16.22
C LEU B 334 16.43 27.35 14.89
N LEU B 335 17.01 27.81 13.78
CA LEU B 335 16.48 27.45 12.47
C LEU B 335 16.65 25.97 12.20
N ASN B 336 17.77 25.38 12.61
CA ASN B 336 17.94 23.93 12.53
C ASN B 336 16.79 23.23 13.26
N VAL B 337 16.65 23.54 14.55
CA VAL B 337 15.65 22.88 15.38
C VAL B 337 14.25 23.05 14.80
N PHE B 338 13.94 24.25 14.32
CA PHE B 338 12.57 24.55 13.92
C PHE B 338 12.24 23.95 12.55
N VAL B 339 13.22 23.92 11.64
CA VAL B 339 13.04 23.17 10.40
C VAL B 339 12.72 21.72 10.70
N TRP B 340 13.43 21.13 11.67
CA TRP B 340 13.16 19.71 11.92
C TRP B 340 11.84 19.48 12.66
N ILE B 341 11.41 20.43 13.49
CA ILE B 341 10.07 20.33 14.08
C ILE B 341 8.99 20.39 12.99
N GLY B 342 9.13 21.36 12.08
CA GLY B 342 8.18 21.47 10.99
C GLY B 342 8.13 20.22 10.14
N TYR B 343 9.29 19.58 9.95
CA TYR B 343 9.29 18.30 9.25
C TYR B 343 8.63 17.20 10.08
N LEU B 344 8.77 17.25 11.41
CA LEU B 344 8.11 16.28 12.27
C LEU B 344 6.59 16.35 12.17
N SER B 345 6.04 17.53 11.89
CA SER B 345 4.58 17.65 11.71
C SER B 345 4.04 16.68 10.66
N SER B 346 4.82 16.46 9.59
CA SER B 346 4.38 15.58 8.51
C SER B 346 4.20 14.14 8.99
N ALA B 347 5.01 13.72 9.96
CA ALA B 347 4.79 12.43 10.61
C ALA B 347 3.71 12.51 11.67
N VAL B 348 3.47 13.71 12.20
CA VAL B 348 2.47 13.88 13.26
C VAL B 348 1.08 13.54 12.73
N ASN B 349 0.78 13.93 11.50
CA ASN B 349 -0.58 13.79 10.97
C ASN B 349 -1.19 12.39 11.14
N PRO B 350 -0.54 11.29 10.74
CA PRO B 350 -1.18 9.97 10.87
C PRO B 350 -1.46 9.56 12.31
N LEU B 351 -0.61 9.94 13.26
CA LEU B 351 -0.91 9.69 14.66
C LEU B 351 -2.22 10.35 15.06
N VAL B 352 -2.45 11.57 14.59
CA VAL B 352 -3.70 12.27 14.88
C VAL B 352 -4.87 11.50 14.28
N TYR B 353 -4.71 10.98 13.07
CA TYR B 353 -5.76 10.14 12.50
C TYR B 353 -6.03 8.91 13.37
N THR B 354 -4.96 8.31 13.90
CA THR B 354 -5.10 7.09 14.69
C THR B 354 -5.82 7.34 16.01
N LEU B 355 -5.52 8.47 16.67
CA LEU B 355 -6.03 8.67 18.03
C LEU B 355 -7.54 8.87 18.05
N PHE B 356 -8.06 9.75 17.21
CA PHE B 356 -9.45 10.21 17.31
C PHE B 356 -10.35 9.64 16.23
N ASN B 357 -10.00 8.50 15.63
CA ASN B 357 -10.80 7.93 14.55
C ASN B 357 -10.75 6.42 14.65
N LYS B 358 -11.92 5.80 14.82
CA LYS B 358 -11.98 4.35 15.01
C LYS B 358 -11.68 3.60 13.72
N THR B 359 -12.11 4.14 12.57
CA THR B 359 -11.89 3.45 11.30
C THR B 359 -10.42 3.46 10.91
N TYR B 360 -9.76 4.62 11.00
CA TYR B 360 -8.34 4.68 10.73
C TYR B 360 -7.55 3.78 11.68
N ARG B 361 -7.96 3.73 12.95
CA ARG B 361 -7.26 2.91 13.93
C ARG B 361 -7.42 1.43 13.62
N SER B 362 -8.62 0.99 13.24
CA SER B 362 -8.82 -0.41 12.85
C SER B 362 -8.01 -0.74 11.61
N ALA B 363 -8.01 0.16 10.62
CA ALA B 363 -7.23 -0.06 9.41
C ALA B 363 -5.75 -0.22 9.73
N PHE B 364 -5.21 0.65 10.59
CA PHE B 364 -3.80 0.57 10.92
C PHE B 364 -3.48 -0.67 11.75
N SER B 365 -4.36 -1.03 12.68
CA SER B 365 -4.15 -2.24 13.47
C SER B 365 -4.15 -3.49 12.60
N ARG B 366 -4.94 -3.50 11.53
CA ARG B 366 -4.92 -4.63 10.62
C ARG B 366 -3.77 -4.57 9.62
N TYR B 367 -3.28 -3.37 9.30
CA TYR B 367 -2.18 -3.27 8.34
C TYR B 367 -0.83 -3.60 8.99
N ILE B 368 -0.61 -3.14 10.23
CA ILE B 368 0.66 -3.39 10.91
C ILE B 368 0.86 -4.88 11.14
N GLN B 369 -0.20 -5.61 11.44
CA GLN B 369 -0.10 -7.05 11.65
C GLN B 369 -0.24 -7.85 10.36
N CYS B 370 -0.37 -7.16 9.21
CA CYS B 370 -0.50 -7.81 7.91
C CYS B 370 -1.68 -8.79 7.90
N GLN B 371 -2.87 -8.22 8.10
CA GLN B 371 -4.14 -8.96 8.09
C GLN B 371 -5.06 -8.16 7.17
N TYR B 372 -5.00 -8.49 5.88
CA TYR B 372 -5.70 -7.71 4.85
C TYR B 372 -7.00 -8.37 4.41
N LYS B 373 -7.58 -9.21 5.26
CA LYS B 373 -8.90 -9.78 5.02
C LYS B 373 -9.72 -9.70 6.30
N GLU B 374 -11.03 -9.72 6.14
CA GLU B 374 -11.95 -9.59 7.27
C GLU B 374 -13.11 -10.55 7.15
C01 8NU C . 31.85 -12.79 -14.64
C02 8NU C . 32.62 -12.10 -13.36
C03 8NU C . 32.01 -11.18 -12.57
C04 8NU C . 30.54 -10.68 -12.74
C05 8NU C . 29.56 -11.60 -12.03
C07 8NU C . 27.28 -12.16 -11.74
C08 8NU C . 25.87 -11.75 -11.31
C09 8NU C . 25.85 -10.72 -10.15
C10 8NU C . 26.79 -9.55 -10.49
C11 8NU C . 28.17 -9.95 -10.97
C12 8NU C . 24.47 -10.13 -9.78
C15 8NU C . 22.32 -9.88 -8.94
C16 8NU C . 23.38 -10.81 -9.01
C17 8NU C . 23.18 -12.09 -8.38
C18 8NU C . 22.00 -12.41 -7.72
C19 8NU C . 20.94 -11.46 -7.65
C21 8NU C . 21.08 -10.19 -8.26
C22 8NU C . 32.74 -10.54 -11.36
C25 8NU C . 35.05 -10.40 -9.92
C26 8NU C . 36.20 -11.31 -9.45
C27 8NU C . 37.07 -11.65 -10.63
C28 8NU C . 36.25 -12.37 -11.72
C29 8NU C . 34.67 -11.95 -12.05
F20 8NU C . 19.83 -11.78 -7.03
N06 8NU C . 28.18 -11.00 -12.04
N13 8NU C . 24.00 -8.92 -10.10
N24 8NU C . 34.17 -10.98 -11.12
N30 8NU C . 34.01 -12.48 -13.07
O14 8NU C . 22.75 -8.74 -9.62
O23 8NU C . 32.24 -9.71 -10.61
C1 CLR D . 14.62 -5.99 -22.63
C2 CLR D . 15.74 -5.02 -22.96
C3 CLR D . 17.08 -5.64 -22.59
C4 CLR D . 17.31 -6.82 -23.53
C5 CLR D . 16.19 -7.81 -23.37
C6 CLR D . 16.49 -9.10 -23.25
C7 CLR D . 15.48 -10.22 -23.08
C8 CLR D . 14.05 -9.74 -23.29
C9 CLR D . 13.85 -8.34 -22.72
C10 CLR D . 14.75 -7.32 -23.39
C11 CLR D . 12.38 -7.92 -22.76
C12 CLR D . 11.46 -8.93 -22.05
C13 CLR D . 11.64 -10.31 -22.67
C14 CLR D . 13.11 -10.68 -22.56
C15 CLR D . 13.17 -12.15 -22.94
C16 CLR D . 11.83 -12.68 -22.43
C17 CLR D . 11.01 -11.49 -21.95
C18 CLR D . 11.21 -10.31 -24.13
C19 CLR D . 14.33 -7.13 -24.84
C20 CLR D . 9.53 -11.79 -22.18
C21 CLR D . 8.59 -10.78 -21.54
C22 CLR D . 9.25 -13.19 -21.64
C23 CLR D . 7.80 -13.63 -21.80
C24 CLR D . 7.55 -14.88 -20.97
C25 CLR D . 6.12 -15.39 -21.12
C26 CLR D . 5.95 -16.19 -22.40
C27 CLR D . 5.69 -16.18 -19.89
O1 CLR D . 18.13 -4.67 -22.76
ZN ZN E . -6.29 -20.94 -0.68
OH3 1PE F . 40.86 -7.54 -6.15
C13 1PE F . 42.00 -6.81 -8.17
C23 1PE F . 40.67 -6.87 -7.40
OH4 1PE F . 41.79 -6.15 -9.42
C14 1PE F . 41.74 -8.19 -10.72
C24 1PE F . 40.97 -6.93 -10.29
OH5 1PE F . 40.93 -8.98 -11.59
C15 1PE F . 41.73 -10.99 -10.52
C25 1PE F . 40.51 -10.18 -10.95
OH6 1PE F . 41.33 -12.20 -9.87
C16 1PE F . 42.90 -11.82 -8.08
C26 1PE F . 42.44 -12.77 -9.19
OH7 1PE F . 44.01 -12.38 -7.38
OH2 1PE G . -2.21 -24.60 10.54
C12 1PE G . -3.46 -25.30 10.49
C22 1PE G . -4.35 -24.85 11.64
OH3 1PE G . -5.60 -25.56 11.58
C13 1PE G . -6.73 -27.68 11.60
C23 1PE G . -5.39 -26.96 11.72
OH4 1PE G . -7.31 -27.41 10.31
C14 1PE G . -7.33 -27.93 7.96
C24 1PE G . -6.69 -28.21 9.31
OH5 1PE G . -6.72 -28.74 6.93
C15 1PE G . -4.53 -27.73 6.54
C25 1PE G . -5.95 -27.97 6.00
OH6 1PE G . -3.79 -26.96 5.59
C16 1PE G . -2.13 -26.02 7.12
C26 1PE G . -2.40 -26.96 5.94
OH7 1PE G . -2.49 -24.68 6.76
OH2 1PE H . -9.20 -34.47 17.84
C12 1PE H . -10.19 -33.91 18.72
C22 1PE H . -10.17 -32.38 18.63
OH3 1PE H . -10.46 -31.98 17.29
C13 1PE H . -10.91 -30.12 15.82
C23 1PE H . -10.67 -30.56 17.26
OH4 1PE H . -12.05 -30.82 15.31
C14 1PE H . -12.96 -31.66 13.25
C24 1PE H . -12.16 -30.54 13.92
OH5 1PE H . -12.28 -32.90 13.43
C01 8NU I . 15.65 21.95 4.64
C02 8NU I . 16.29 23.27 5.38
C03 8NU I . 15.84 24.52 5.12
C04 8NU I . 14.67 24.89 4.14
C05 8NU I . 13.41 25.29 4.90
C07 8NU I . 11.15 24.75 5.30
C08 8NU I . 9.68 24.87 4.84
C09 8NU I . 9.44 26.06 3.86
C10 8NU I . 10.43 25.91 2.70
C11 8NU I . 11.88 25.80 3.12
C12 8NU I . 8.02 26.21 3.27
C15 8NU I . 5.70 26.23 2.97
C16 8NU I . 6.70 25.94 3.93
C17 8NU I . 6.24 25.47 5.22
C18 8NU I . 4.88 25.32 5.51
C19 8NU I . 3.89 25.63 4.51
C21 8NU I . 4.29 26.09 3.23
C22 8NU I . 16.45 25.77 5.83
C25 8NU I . 18.33 26.70 7.60
C26 8NU I . 19.30 26.30 8.73
C27 8NU I . 20.13 25.12 8.29
C28 8NU I . 19.21 23.93 8.02
C29 8NU I . 17.96 24.12 6.95
F20 8NU I . 2.60 25.49 4.81
N06 8NU I . 12.17 24.80 4.21
N13 8NU I . 7.74 26.64 2.02
N24 8NU I . 17.61 25.50 6.80
N30 8NU I . 17.40 23.09 6.32
O14 8NU I . 6.39 26.65 1.82
O23 8NU I . 16.10 26.93 5.65
C1 PLM J . 3.38 -7.54 8.60
O2 PLM J . 2.68 -8.16 9.45
C2 PLM J . 4.53 -6.68 9.20
C3 PLM J . 5.48 -6.03 8.18
C4 PLM J . 6.87 -5.70 8.75
C5 PLM J . 7.79 -4.96 7.77
C6 PLM J . 9.29 -5.12 8.08
C7 PLM J . 10.19 -4.05 7.43
C8 PLM J . 11.68 -4.31 7.61
C9 PLM J . 12.57 -3.14 7.16
C1 CLR K . 2.90 -0.93 6.51
C2 CLR K . 1.70 -1.82 6.83
C3 CLR K . 1.32 -2.67 5.62
C4 CLR K . 2.49 -3.57 5.28
C5 CLR K . 3.70 -2.70 5.01
C6 CLR K . 4.35 -2.83 3.85
C7 CLR K . 5.56 -2.02 3.47
C8 CLR K . 6.23 -1.41 4.70
C9 CLR K . 5.19 -0.77 5.62
C10 CLR K . 4.12 -1.74 6.10
C11 CLR K . 5.88 -0.07 6.79
C12 CLR K . 6.90 0.97 6.35
C13 CLR K . 7.92 0.33 5.42
C14 CLR K . 7.18 -0.30 4.26
C15 CLR K . 8.25 -0.65 3.24
C16 CLR K . 9.25 0.49 3.39
C17 CLR K . 8.87 1.26 4.66
C18 CLR K . 8.74 -0.73 6.15
C19 CLR K . 4.62 -2.55 7.29
C20 CLR K . 10.12 1.72 5.42
C21 CLR K . 9.82 2.80 6.46
C22 CLR K . 11.17 2.23 4.43
C23 CLR K . 12.34 2.93 5.14
C24 CLR K . 13.44 3.26 4.15
C25 CLR K . 13.01 4.34 3.16
C26 CLR K . 13.74 5.65 3.45
C27 CLR K . 13.24 3.89 1.72
O1 CLR K . 0.18 -3.47 5.95
#